data_7N7U
#
_entry.id   7N7U
#
_cell.length_a   150.053
_cell.length_b   150.053
_cell.length_c   110.515
_cell.angle_alpha   90.000
_cell.angle_beta   90.000
_cell.angle_gamma   120.000
#
_symmetry.space_group_name_H-M   'P 63'
#
loop_
_entity.id
_entity.type
_entity.pdbx_description
1 polymer 'Uridylate-specific endoribonuclease'
2 non-polymer 1-[(2~{R},4~{S},5~{R})-5-[[(azanylidene-$l^{4}-azanylidene)amino]methyl]-4-oxidanyl-oxolan-2-yl]-5-methyl-pyrimidine-2,4-dione
3 water water
#
_entity_poly.entity_id   1
_entity_poly.type   'polypeptide(L)'
_entity_poly.pdbx_seq_one_letter_code
;GAMSLENVAFNVVNKGHFDGQQGEVPVSIINNTVYTKVDGVDVELFENKTTLPVNVAFELWAKRNIKPVPEVKILNNLGV
DIAANTVIWDYKRDAPAHISTIGVCSMTDIAKKPTETICAPLTVFFDGRVDGQVDLFRNARNGVLITEGSVKGLQPSVGP
KQASLNGVTLIGEAVKTQFNYYKKVDGVVQQLPETYFTQSRNLQEFKPRSQMEIDFLELAMDEFIERYKLEGYAFEHIVY
GDFSHSQLGGLHLLIGLAKRFKESPFELEDFIPMDSTVKNYFITDAQTGSSKCVCSVIDLLLDDFVEIIKSQDLSVVSKV
VKVTIDYTEISFMLWCKDGHVETFYPKLQ
;
_entity_poly.pdbx_strand_id   A,B
#
# COMPACT_ATOMS: atom_id res chain seq x y z
N ALA A 2 8.62 -20.99 -28.67
CA ALA A 2 9.21 -20.66 -29.98
C ALA A 2 8.47 -19.44 -30.56
N MET A 3 9.02 -18.22 -30.55
CA MET A 3 8.29 -17.14 -31.21
C MET A 3 8.43 -17.17 -32.73
N SER A 4 7.42 -16.66 -33.42
CA SER A 4 7.46 -16.52 -34.86
C SER A 4 6.47 -15.45 -35.31
N LEU A 5 6.76 -14.89 -36.47
CA LEU A 5 5.83 -13.95 -37.08
C LEU A 5 4.46 -14.58 -37.28
N GLU A 6 4.43 -15.77 -37.89
CA GLU A 6 3.17 -16.44 -38.18
C GLU A 6 2.41 -16.81 -36.91
N ASN A 7 3.10 -16.99 -35.79
CA ASN A 7 2.38 -17.29 -34.56
C ASN A 7 1.84 -16.03 -33.91
N VAL A 8 2.61 -14.94 -33.96
CA VAL A 8 2.06 -13.64 -33.57
C VAL A 8 0.79 -13.37 -34.34
N ALA A 9 0.88 -13.44 -35.67
CA ALA A 9 -0.28 -13.31 -36.54
C ALA A 9 -1.39 -14.29 -36.18
N PHE A 10 -1.06 -15.55 -35.92
CA PHE A 10 -2.10 -16.47 -35.50
C PHE A 10 -2.85 -15.93 -34.29
N ASN A 11 -2.11 -15.48 -33.26
CA ASN A 11 -2.76 -15.05 -32.04
C ASN A 11 -3.68 -13.86 -32.30
N VAL A 12 -3.20 -12.86 -33.04
CA VAL A 12 -4.01 -11.69 -33.37
C VAL A 12 -5.31 -12.09 -34.06
N VAL A 13 -5.22 -12.97 -35.06
CA VAL A 13 -6.41 -13.36 -35.83
C VAL A 13 -7.43 -14.06 -34.93
N ASN A 14 -6.98 -14.97 -34.08
CA ASN A 14 -7.88 -15.84 -33.34
C ASN A 14 -8.17 -15.37 -31.92
N LYS A 15 -7.34 -14.48 -31.38
CA LYS A 15 -7.49 -14.03 -30.01
C LYS A 15 -7.53 -12.51 -29.87
N GLY A 16 -7.32 -11.78 -30.94
CA GLY A 16 -7.41 -10.34 -30.89
C GLY A 16 -6.13 -9.64 -30.46
N HIS A 17 -5.13 -10.38 -30.01
CA HIS A 17 -3.84 -9.86 -29.55
C HIS A 17 -2.97 -11.06 -29.24
N PHE A 18 -1.75 -10.83 -28.77
CA PHE A 18 -0.93 -11.98 -28.46
C PHE A 18 -1.39 -12.58 -27.14
N ASP A 19 -1.64 -13.92 -27.12
CA ASP A 19 -2.23 -14.58 -25.96
C ASP A 19 -1.56 -15.91 -25.66
N GLY A 20 -0.36 -16.14 -26.18
CA GLY A 20 0.39 -17.34 -25.90
C GLY A 20 -0.07 -18.61 -26.59
N GLN A 21 -0.96 -18.54 -27.58
CA GLN A 21 -1.54 -19.73 -28.19
C GLN A 21 -0.63 -20.36 -29.26
N GLN A 22 -0.69 -21.68 -29.30
CA GLN A 22 -0.18 -22.51 -30.39
C GLN A 22 -0.82 -22.17 -31.74
N GLY A 23 0.00 -22.08 -32.77
CA GLY A 23 -0.54 -21.93 -34.12
C GLY A 23 0.23 -21.02 -35.06
N GLU A 24 -0.16 -21.05 -36.33
CA GLU A 24 0.50 -20.28 -37.37
C GLU A 24 -0.54 -19.92 -38.41
N VAL A 25 -0.36 -18.77 -39.06
CA VAL A 25 -1.15 -18.41 -40.25
C VAL A 25 -0.25 -17.77 -41.27
N PRO A 26 -0.57 -17.94 -42.55
CA PRO A 26 0.31 -17.39 -43.59
C PRO A 26 0.28 -15.88 -43.52
N VAL A 27 1.45 -15.30 -43.57
CA VAL A 27 1.58 -13.86 -43.46
C VAL A 27 2.36 -13.37 -44.66
N SER A 28 1.97 -12.21 -45.19
CA SER A 28 2.79 -11.51 -46.16
C SER A 28 3.11 -10.13 -45.61
N ILE A 29 4.35 -9.72 -45.78
CA ILE A 29 4.78 -8.39 -45.35
C ILE A 29 5.08 -7.57 -46.59
N ILE A 30 4.45 -6.42 -46.72
CA ILE A 30 4.72 -5.53 -47.84
C ILE A 30 4.60 -4.09 -47.37
N ASN A 31 5.31 -3.14 -47.98
N ASN A 31 5.55 -3.31 -47.87
CA ASN A 31 5.29 -1.70 -47.60
CA ASN A 31 6.45 -2.41 -47.19
C ASN A 31 4.68 -1.32 -46.23
C ASN A 31 6.30 -2.47 -45.68
N ASN A 32 5.41 -1.62 -45.17
CA ASN A 32 5.13 -1.43 -43.76
C ASN A 32 3.81 -2.03 -43.29
N THR A 33 3.27 -2.99 -44.01
CA THR A 33 1.98 -3.54 -43.63
C THR A 33 2.07 -5.05 -43.49
N VAL A 34 1.42 -5.59 -42.47
CA VAL A 34 1.33 -7.02 -42.26
C VAL A 34 -0.04 -7.48 -42.74
N TYR A 35 -0.06 -8.48 -43.64
CA TYR A 35 -1.28 -9.06 -44.19
C TYR A 35 -1.38 -10.53 -43.84
N THR A 36 -2.60 -11.03 -43.75
CA THR A 36 -2.81 -12.47 -43.67
C THR A 36 -3.82 -12.89 -44.72
N LYS A 37 -3.67 -14.13 -45.17
CA LYS A 37 -4.53 -14.69 -46.20
C LYS A 37 -5.80 -15.18 -45.51
N VAL A 38 -6.95 -14.65 -45.93
CA VAL A 38 -8.24 -15.16 -45.48
C VAL A 38 -9.06 -15.48 -46.73
N ASP A 39 -9.16 -16.77 -47.04
CA ASP A 39 -10.03 -17.24 -48.12
C ASP A 39 -9.65 -16.53 -49.43
N GLY A 40 -8.39 -16.71 -49.81
CA GLY A 40 -7.87 -16.28 -51.07
C GLY A 40 -7.30 -14.87 -51.10
N VAL A 41 -7.79 -13.96 -50.26
CA VAL A 41 -7.40 -12.57 -50.36
C VAL A 41 -6.62 -12.14 -49.13
N ASP A 42 -5.75 -11.14 -49.34
CA ASP A 42 -4.93 -10.59 -48.26
C ASP A 42 -5.77 -9.63 -47.43
N VAL A 43 -5.79 -9.82 -46.13
CA VAL A 43 -6.46 -8.90 -45.22
C VAL A 43 -5.39 -8.20 -44.40
N GLU A 44 -5.49 -6.89 -44.30
CA GLU A 44 -4.53 -6.15 -43.52
C GLU A 44 -4.71 -6.41 -42.03
N LEU A 45 -3.64 -6.83 -41.36
CA LEU A 45 -3.59 -6.95 -39.91
C LEU A 45 -2.96 -5.75 -39.22
N PHE A 46 -2.00 -5.05 -39.84
CA PHE A 46 -1.24 -4.06 -39.08
C PHE A 46 -0.44 -3.15 -39.99
N GLU A 47 -0.58 -1.83 -39.83
CA GLU A 47 0.26 -0.86 -40.54
C GLU A 47 1.29 -0.29 -39.59
N ASN A 48 2.56 -0.50 -39.90
CA ASN A 48 3.64 -0.02 -39.06
C ASN A 48 3.66 1.49 -39.12
N LYS A 49 3.46 2.11 -37.98
CA LYS A 49 3.52 3.54 -37.86
C LYS A 49 4.72 3.95 -37.02
N THR A 50 5.57 2.98 -36.61
CA THR A 50 6.70 3.21 -35.72
C THR A 50 7.96 3.38 -36.57
N THR A 51 9.08 3.62 -35.88
CA THR A 51 10.39 3.60 -36.50
C THR A 51 11.11 2.28 -36.31
N LEU A 52 10.37 1.23 -35.90
CA LEU A 52 10.91 -0.13 -35.81
C LEU A 52 10.61 -0.88 -37.09
N PRO A 53 11.31 -1.97 -37.33
CA PRO A 53 10.94 -2.80 -38.48
C PRO A 53 9.50 -3.29 -38.34
N VAL A 54 8.85 -3.47 -39.49
CA VAL A 54 7.41 -3.77 -39.54
C VAL A 54 7.06 -4.99 -38.70
N ASN A 55 7.83 -6.08 -38.85
CA ASN A 55 7.49 -7.31 -38.14
C ASN A 55 7.82 -7.23 -36.66
N VAL A 56 8.79 -6.38 -36.30
CA VAL A 56 9.05 -6.09 -34.90
C VAL A 56 7.91 -5.27 -34.27
N ALA A 57 7.55 -4.14 -34.88
CA ALA A 57 6.46 -3.34 -34.32
C ALA A 57 5.20 -4.17 -34.18
N PHE A 58 4.97 -5.06 -35.15
CA PHE A 58 3.81 -5.94 -35.14
C PHE A 58 3.81 -6.81 -33.89
N GLU A 59 4.93 -7.46 -33.62
CA GLU A 59 5.01 -8.30 -32.44
C GLU A 59 4.81 -7.47 -31.17
N LEU A 60 5.42 -6.28 -31.09
CA LEU A 60 5.30 -5.51 -29.85
C LEU A 60 3.87 -5.03 -29.69
N TRP A 61 3.26 -4.58 -30.77
CA TRP A 61 1.88 -4.13 -30.70
C TRP A 61 0.97 -5.28 -30.26
N ALA A 62 1.12 -6.45 -30.87
CA ALA A 62 0.37 -7.63 -30.44
C ALA A 62 0.58 -7.91 -28.96
N LYS A 63 1.79 -7.68 -28.46
CA LYS A 63 2.13 -7.99 -27.09
C LYS A 63 1.82 -6.83 -26.14
N ARG A 64 1.06 -5.84 -26.62
CA ARG A 64 0.72 -4.69 -25.80
C ARG A 64 -0.09 -5.09 -24.56
N ASN A 65 0.12 -4.34 -23.48
CA ASN A 65 -0.65 -4.52 -22.26
C ASN A 65 -2.11 -4.16 -22.48
N ILE A 66 -3.00 -5.07 -22.12
CA ILE A 66 -4.42 -4.87 -22.31
C ILE A 66 -5.16 -4.71 -20.99
N LYS A 67 -4.43 -4.56 -19.88
CA LYS A 67 -4.95 -4.11 -18.59
C LYS A 67 -4.97 -2.59 -18.57
N PRO A 68 -5.76 -1.97 -17.71
CA PRO A 68 -5.61 -0.53 -17.52
C PRO A 68 -4.18 -0.28 -17.06
N VAL A 69 -3.57 0.76 -17.62
CA VAL A 69 -2.17 1.08 -17.33
C VAL A 69 -2.06 2.58 -17.26
N PRO A 70 -1.00 3.09 -16.64
CA PRO A 70 -0.86 4.54 -16.51
C PRO A 70 -0.76 5.18 -17.89
N GLU A 71 -1.22 6.41 -17.99
CA GLU A 71 -1.08 7.16 -19.22
C GLU A 71 0.40 7.45 -19.47
N VAL A 72 0.79 7.42 -20.75
CA VAL A 72 2.19 7.63 -21.12
C VAL A 72 2.73 8.92 -20.53
N LYS A 73 1.94 10.00 -20.52
CA LYS A 73 2.44 11.23 -19.90
C LYS A 73 2.91 10.97 -18.46
N ILE A 74 2.16 10.17 -17.69
CA ILE A 74 2.54 9.84 -16.32
C ILE A 74 3.87 9.09 -16.29
N LEU A 75 3.96 7.98 -17.01
CA LEU A 75 5.23 7.25 -17.07
C LEU A 75 6.39 8.17 -17.45
N ASN A 76 6.19 9.01 -18.47
CA ASN A 76 7.25 9.92 -18.90
C ASN A 76 7.67 10.84 -17.77
N ASN A 77 6.68 11.45 -17.09
CA ASN A 77 6.99 12.38 -16.01
C ASN A 77 7.75 11.70 -14.89
N LEU A 78 7.57 10.39 -14.69
CA LEU A 78 8.33 9.64 -13.71
C LEU A 78 9.62 9.07 -14.27
N GLY A 79 9.97 9.35 -15.52
CA GLY A 79 11.28 8.92 -16.01
C GLY A 79 11.38 7.46 -16.34
N VAL A 80 10.27 6.83 -16.75
CA VAL A 80 10.30 5.41 -17.12
C VAL A 80 11.02 5.24 -18.45
N ASP A 81 11.97 4.28 -18.52
CA ASP A 81 12.70 4.01 -19.73
C ASP A 81 12.29 2.73 -20.43
N ILE A 82 11.70 1.79 -19.71
CA ILE A 82 11.52 0.44 -20.21
C ILE A 82 10.57 -0.24 -19.24
N ALA A 83 9.79 -1.19 -19.73
CA ALA A 83 8.83 -1.90 -18.91
C ALA A 83 9.30 -3.34 -18.67
N ALA A 84 8.96 -3.86 -17.51
CA ALA A 84 9.29 -5.26 -17.17
C ALA A 84 8.24 -6.20 -17.77
N ASN A 85 8.62 -6.94 -18.81
CA ASN A 85 7.87 -8.10 -19.27
C ASN A 85 6.46 -7.74 -19.73
N THR A 86 6.32 -6.56 -20.33
CA THR A 86 5.10 -6.12 -21.00
C THR A 86 5.50 -4.99 -21.93
N VAL A 87 4.60 -4.63 -22.84
CA VAL A 87 4.75 -3.45 -23.69
C VAL A 87 3.67 -2.46 -23.30
N ILE A 88 4.07 -1.25 -22.95
CA ILE A 88 3.11 -0.15 -22.83
C ILE A 88 2.98 0.44 -24.23
N TRP A 89 1.83 0.27 -24.86
CA TRP A 89 1.64 0.80 -26.18
C TRP A 89 1.15 2.24 -26.10
N ASP A 90 1.84 3.13 -26.82
CA ASP A 90 1.45 4.53 -26.87
C ASP A 90 0.45 4.68 -27.98
N TYR A 91 -0.82 4.81 -27.62
CA TYR A 91 -1.87 4.93 -28.61
C TYR A 91 -1.92 6.31 -29.22
N LYS A 92 -1.23 7.28 -28.62
CA LYS A 92 -1.23 8.59 -29.21
C LYS A 92 -0.15 8.71 -30.26
N ARG A 93 0.85 7.84 -30.21
CA ARG A 93 1.92 7.82 -31.18
C ARG A 93 1.85 6.62 -32.10
N ASP A 94 0.85 5.75 -31.91
CA ASP A 94 0.85 4.46 -32.59
C ASP A 94 2.20 3.77 -32.52
N ALA A 95 2.85 3.78 -31.36
CA ALA A 95 4.16 3.16 -31.24
C ALA A 95 4.33 2.69 -29.81
N PRO A 96 5.32 1.83 -29.56
CA PRO A 96 5.63 1.47 -28.18
C PRO A 96 6.04 2.68 -27.38
N ALA A 97 5.70 2.68 -26.10
CA ALA A 97 6.09 3.84 -25.32
C ALA A 97 7.59 3.86 -25.06
N HIS A 98 8.27 2.74 -25.20
CA HIS A 98 9.69 2.64 -24.87
C HIS A 98 10.42 1.89 -25.97
N ILE A 99 11.72 2.19 -26.09
CA ILE A 99 12.50 1.76 -27.26
C ILE A 99 12.76 0.27 -27.17
N SER A 100 13.03 -0.23 -25.97
CA SER A 100 13.50 -1.58 -25.76
C SER A 100 12.53 -2.36 -24.89
N THR A 101 12.75 -3.66 -24.82
CA THR A 101 11.90 -4.50 -24.00
C THR A 101 12.77 -5.34 -23.10
N ILE A 102 12.08 -5.95 -22.13
CA ILE A 102 12.64 -6.97 -21.22
C ILE A 102 11.72 -8.17 -21.27
N GLY A 103 12.21 -9.29 -21.80
CA GLY A 103 11.42 -10.50 -21.83
C GLY A 103 10.18 -10.47 -22.72
N VAL A 104 10.16 -9.66 -23.76
CA VAL A 104 8.99 -9.56 -24.63
C VAL A 104 9.29 -10.06 -26.05
N CYS A 105 10.37 -9.58 -26.64
CA CYS A 105 10.63 -9.70 -28.07
C CYS A 105 12.12 -9.81 -28.32
N SER A 106 12.52 -10.82 -29.07
CA SER A 106 13.95 -11.11 -29.18
C SER A 106 14.71 -10.03 -29.95
N MET A 107 14.08 -9.35 -30.94
CA MET A 107 14.72 -8.19 -31.57
C MET A 107 14.89 -6.98 -30.66
N THR A 108 13.95 -6.74 -29.74
CA THR A 108 14.02 -5.53 -28.94
C THR A 108 14.52 -5.76 -27.51
N ASP A 109 14.64 -7.01 -27.07
CA ASP A 109 14.97 -7.34 -25.68
C ASP A 109 16.40 -6.97 -25.35
N ILE A 110 16.59 -6.14 -24.35
CA ILE A 110 17.93 -5.96 -23.82
C ILE A 110 18.20 -6.95 -22.71
N ALA A 111 17.19 -7.69 -22.29
CA ALA A 111 17.31 -8.67 -21.23
C ALA A 111 16.09 -9.55 -21.27
N LYS A 112 16.21 -10.69 -20.62
CA LYS A 112 15.05 -11.53 -20.42
C LYS A 112 14.32 -11.17 -19.17
N LYS A 113 15.06 -10.75 -18.13
CA LYS A 113 14.48 -10.49 -16.83
C LYS A 113 15.10 -9.22 -16.29
N PRO A 114 14.32 -8.42 -15.56
CA PRO A 114 14.80 -7.11 -15.09
C PRO A 114 15.97 -7.19 -14.12
N THR A 115 16.32 -8.38 -13.63
CA THR A 115 17.42 -8.50 -12.70
C THR A 115 18.76 -8.50 -13.39
N GLU A 116 18.77 -8.76 -14.70
CA GLU A 116 20.02 -8.69 -15.44
C GLU A 116 20.63 -7.30 -15.33
N THR A 117 21.95 -7.25 -15.17
CA THR A 117 22.54 -6.00 -14.72
C THR A 117 22.45 -4.91 -15.78
N ILE A 118 22.24 -5.29 -17.06
CA ILE A 118 22.03 -4.30 -18.10
C ILE A 118 20.91 -3.35 -17.73
N CYS A 119 19.96 -3.81 -16.91
CA CYS A 119 18.74 -3.08 -16.60
C CYS A 119 18.91 -2.15 -15.43
N ALA A 120 20.00 -2.31 -14.67
CA ALA A 120 20.16 -1.56 -13.44
C ALA A 120 20.17 -0.04 -13.64
N PRO A 121 20.84 0.52 -14.66
CA PRO A 121 20.80 1.99 -14.85
C PRO A 121 19.48 2.54 -15.39
N LEU A 122 18.56 1.69 -15.83
CA LEU A 122 17.30 2.14 -16.42
C LEU A 122 16.19 2.10 -15.37
N THR A 123 15.27 3.05 -15.47
CA THR A 123 14.06 3.04 -14.66
C THR A 123 13.05 2.04 -15.25
N VAL A 124 12.97 0.86 -14.64
CA VAL A 124 12.11 -0.21 -15.12
C VAL A 124 10.73 -0.04 -14.52
N PHE A 125 9.70 -0.07 -15.37
CA PHE A 125 8.32 -0.03 -14.89
C PHE A 125 7.86 -1.43 -14.51
N PHE A 126 7.35 -1.57 -13.28
CA PHE A 126 6.88 -2.81 -12.71
C PHE A 126 5.40 -2.69 -12.37
N ASP A 127 4.68 -3.79 -12.53
CA ASP A 127 3.22 -3.89 -12.39
C ASP A 127 2.89 -4.83 -11.22
N GLY A 128 2.57 -4.25 -10.06
CA GLY A 128 2.25 -5.04 -8.89
C GLY A 128 1.13 -6.03 -9.09
N ARG A 129 0.35 -5.89 -10.16
CA ARG A 129 -0.70 -6.87 -10.42
C ARG A 129 -0.16 -8.16 -11.02
N VAL A 130 1.10 -8.19 -11.45
CA VAL A 130 1.74 -9.39 -11.98
C VAL A 130 2.56 -10.03 -10.86
N ASP A 131 2.40 -11.35 -10.68
CA ASP A 131 3.15 -12.06 -9.67
C ASP A 131 4.64 -11.75 -9.77
N GLY A 132 5.26 -11.52 -8.62
CA GLY A 132 6.69 -11.39 -8.59
C GLY A 132 7.20 -10.01 -8.88
N GLN A 133 6.34 -9.08 -9.28
CA GLN A 133 6.91 -7.85 -9.78
C GLN A 133 7.18 -6.84 -8.69
N VAL A 134 6.40 -6.86 -7.61
CA VAL A 134 6.77 -6.06 -6.45
C VAL A 134 8.19 -6.40 -6.00
N ASP A 135 8.52 -7.68 -5.99
CA ASP A 135 9.84 -8.07 -5.49
C ASP A 135 10.93 -7.62 -6.44
N LEU A 136 10.66 -7.61 -7.74
CA LEU A 136 11.66 -7.19 -8.71
C LEU A 136 11.92 -5.70 -8.59
N PHE A 137 10.89 -4.94 -8.23
CA PHE A 137 11.07 -3.53 -7.95
C PHE A 137 12.00 -3.34 -6.75
N ARG A 138 11.80 -4.14 -5.69
CA ARG A 138 12.66 -4.04 -4.51
C ARG A 138 14.13 -4.27 -4.87
N ASN A 139 14.37 -5.20 -5.79
CA ASN A 139 15.73 -5.54 -6.17
C ASN A 139 16.30 -4.65 -7.26
N ALA A 140 15.46 -3.93 -7.98
CA ALA A 140 15.93 -3.07 -9.06
C ALA A 140 16.66 -1.84 -8.52
N ARG A 141 17.71 -1.43 -9.22
CA ARG A 141 18.38 -0.21 -8.84
C ARG A 141 17.54 1.03 -9.18
N ASN A 142 16.79 0.99 -10.28
CA ASN A 142 15.91 2.08 -10.69
C ASN A 142 14.57 1.53 -11.14
N GLY A 143 13.48 2.20 -10.77
CA GLY A 143 12.18 1.61 -11.06
C GLY A 143 11.02 2.51 -10.71
N VAL A 144 9.89 2.21 -11.34
CA VAL A 144 8.59 2.78 -11.01
C VAL A 144 7.64 1.59 -10.85
N LEU A 145 6.88 1.57 -9.77
CA LEU A 145 5.99 0.45 -9.51
C LEU A 145 4.57 0.96 -9.30
N ILE A 146 3.59 0.27 -9.87
CA ILE A 146 2.19 0.50 -9.56
C ILE A 146 1.64 -0.74 -8.92
N THR A 147 0.71 -0.54 -7.99
CA THR A 147 -0.02 -1.61 -7.34
C THR A 147 -1.45 -1.16 -7.13
N GLU A 148 -2.29 -2.10 -6.71
CA GLU A 148 -3.66 -1.82 -6.35
C GLU A 148 -3.85 -1.69 -4.86
N GLY A 149 -2.82 -2.00 -4.08
CA GLY A 149 -2.89 -1.94 -2.64
C GLY A 149 -1.57 -1.64 -1.98
N SER A 150 -1.58 -1.65 -0.65
CA SER A 150 -0.39 -1.35 0.11
C SER A 150 0.67 -2.43 -0.11
N VAL A 151 1.91 -1.96 -0.17
CA VAL A 151 3.09 -2.79 -0.18
C VAL A 151 3.79 -2.55 1.15
N LYS A 152 4.12 -3.62 1.86
CA LYS A 152 4.54 -3.47 3.23
C LYS A 152 5.78 -2.61 3.33
N GLY A 153 5.66 -1.53 4.10
CA GLY A 153 6.74 -0.61 4.32
C GLY A 153 6.93 0.47 3.27
N LEU A 154 6.41 0.30 2.05
CA LEU A 154 6.66 1.27 0.99
C LEU A 154 5.63 2.38 1.08
N GLN A 155 6.10 3.61 1.26
CA GLN A 155 5.19 4.74 1.40
C GLN A 155 4.56 5.10 0.05
N PRO A 156 3.24 4.99 -0.10
CA PRO A 156 2.64 5.10 -1.42
C PRO A 156 2.42 6.54 -1.86
N SER A 157 2.29 6.70 -3.17
CA SER A 157 1.75 7.91 -3.75
C SER A 157 0.47 7.52 -4.50
N VAL A 158 -0.64 8.16 -4.16
CA VAL A 158 -1.92 7.83 -4.79
C VAL A 158 -1.98 8.48 -6.16
N GLY A 159 -2.26 7.68 -7.19
CA GLY A 159 -2.18 8.16 -8.56
C GLY A 159 -3.45 8.81 -9.04
N PRO A 160 -3.51 9.15 -10.32
CA PRO A 160 -4.73 9.76 -10.86
C PRO A 160 -5.86 8.73 -10.90
N LYS A 161 -7.09 9.25 -10.93
CA LYS A 161 -8.23 8.34 -10.95
C LYS A 161 -8.27 7.55 -12.25
N GLN A 162 -7.78 8.15 -13.35
CA GLN A 162 -7.92 7.58 -14.68
C GLN A 162 -6.68 6.76 -15.05
N ALA A 163 -6.91 5.77 -15.92
CA ALA A 163 -5.85 5.01 -16.56
C ALA A 163 -6.24 4.80 -18.02
N SER A 164 -5.32 4.26 -18.80
CA SER A 164 -5.58 3.95 -20.20
C SER A 164 -5.86 2.46 -20.33
N LEU A 165 -7.00 2.12 -20.91
CA LEU A 165 -7.33 0.74 -21.24
C LEU A 165 -7.48 0.64 -22.76
N ASN A 166 -6.49 0.07 -23.44
CA ASN A 166 -6.54 -0.08 -24.89
C ASN A 166 -6.75 1.26 -25.58
N GLY A 167 -6.03 2.27 -25.12
CA GLY A 167 -6.09 3.54 -25.75
C GLY A 167 -7.24 4.39 -25.30
N VAL A 168 -8.15 3.84 -24.51
CA VAL A 168 -9.27 4.59 -23.99
C VAL A 168 -8.92 5.00 -22.56
N THR A 169 -8.93 6.29 -22.28
CA THR A 169 -8.67 6.79 -20.95
C THR A 169 -9.97 6.91 -20.18
N LEU A 170 -9.97 6.44 -18.94
CA LEU A 170 -11.23 6.20 -18.27
C LEU A 170 -10.97 6.01 -16.79
N ILE A 171 -12.00 6.30 -16.01
CA ILE A 171 -12.01 6.02 -14.59
C ILE A 171 -12.81 4.75 -14.43
N GLY A 172 -12.15 3.70 -13.93
CA GLY A 172 -12.69 2.37 -14.05
C GLY A 172 -13.85 2.16 -13.08
N GLU A 173 -14.87 1.45 -13.57
CA GLU A 173 -15.97 0.96 -12.75
C GLU A 173 -16.00 -0.55 -12.64
N ALA A 174 -15.73 -1.25 -13.73
CA ALA A 174 -15.59 -2.69 -13.65
C ALA A 174 -14.16 -3.10 -13.39
N VAL A 175 -13.22 -2.16 -13.44
CA VAL A 175 -11.82 -2.45 -13.26
C VAL A 175 -11.21 -1.30 -12.47
N LYS A 176 -10.11 -1.59 -11.81
CA LYS A 176 -9.42 -0.58 -11.03
C LYS A 176 -8.46 0.17 -11.93
N THR A 177 -8.46 1.51 -11.85
CA THR A 177 -7.58 2.34 -12.64
C THR A 177 -6.81 3.36 -11.81
N GLN A 178 -6.98 3.36 -10.51
CA GLN A 178 -6.25 4.25 -9.61
C GLN A 178 -5.22 3.42 -8.88
N PHE A 179 -3.95 3.70 -9.09
CA PHE A 179 -2.89 2.88 -8.55
C PHE A 179 -2.14 3.64 -7.46
N ASN A 180 -1.42 2.89 -6.65
CA ASN A 180 -0.32 3.46 -5.89
C ASN A 180 0.89 3.53 -6.79
N TYR A 181 1.64 4.62 -6.66
CA TYR A 181 2.88 4.80 -7.40
C TYR A 181 4.05 4.79 -6.45
N TYR A 182 5.12 4.13 -6.87
CA TYR A 182 6.39 4.11 -6.17
C TYR A 182 7.52 4.26 -7.18
N LYS A 183 8.62 4.88 -6.74
CA LYS A 183 9.76 5.19 -7.58
C LYS A 183 11.06 4.98 -6.81
N LYS A 184 12.08 4.42 -7.46
CA LYS A 184 13.40 4.24 -6.88
C LYS A 184 14.44 4.86 -7.81
N VAL A 185 15.33 5.67 -7.26
CA VAL A 185 16.53 6.15 -7.97
C VAL A 185 17.75 5.65 -7.23
N ASP A 186 18.59 4.90 -7.92
CA ASP A 186 19.86 4.44 -7.37
C ASP A 186 19.66 3.65 -6.08
N GLY A 187 18.78 2.66 -6.13
CA GLY A 187 18.53 1.83 -4.99
C GLY A 187 17.71 2.47 -3.90
N VAL A 188 17.38 3.75 -4.01
CA VAL A 188 16.76 4.50 -2.92
C VAL A 188 15.33 4.87 -3.31
N VAL A 189 14.36 4.34 -2.56
CA VAL A 189 12.97 4.74 -2.77
C VAL A 189 12.87 6.25 -2.61
N GLN A 190 12.20 6.89 -3.55
CA GLN A 190 12.06 8.34 -3.54
C GLN A 190 10.65 8.74 -3.14
N GLN A 191 10.55 9.65 -2.17
CA GLN A 191 9.36 10.43 -1.90
C GLN A 191 8.75 11.02 -3.17
N LEU A 192 7.54 10.59 -3.56
CA LEU A 192 6.96 11.32 -4.69
C LEU A 192 6.31 12.62 -4.19
N PRO A 193 6.39 13.69 -5.00
CA PRO A 193 5.84 14.97 -4.56
C PRO A 193 4.32 14.98 -4.53
N GLU A 194 3.78 15.82 -3.64
CA GLU A 194 2.36 16.13 -3.74
C GLU A 194 2.10 16.75 -5.09
N THR A 195 0.95 16.44 -5.69
CA THR A 195 0.80 16.82 -7.08
C THR A 195 -0.65 16.99 -7.42
N TYR A 196 -0.91 17.80 -8.44
CA TYR A 196 -2.20 17.78 -9.10
C TYR A 196 -2.15 16.76 -10.22
N PHE A 197 -3.32 16.44 -10.76
CA PHE A 197 -3.39 15.53 -11.90
C PHE A 197 -4.23 16.15 -12.99
N THR A 198 -3.73 16.15 -14.23
CA THR A 198 -4.55 16.63 -15.36
C THR A 198 -5.67 15.61 -15.62
N GLN A 199 -6.82 16.11 -16.12
CA GLN A 199 -8.03 15.27 -16.21
C GLN A 199 -8.14 14.44 -17.50
N SER A 200 -7.29 14.68 -18.52
CA SER A 200 -7.26 13.87 -19.75
C SER A 200 -8.58 13.84 -20.52
N ARG A 201 -9.27 14.97 -20.63
CA ARG A 201 -10.52 14.98 -21.38
C ARG A 201 -10.32 15.44 -22.83
N ASN A 202 -11.24 15.02 -23.71
CA ASN A 202 -11.26 15.41 -25.12
C ASN A 202 -12.01 16.72 -25.29
N LEU A 203 -11.58 17.51 -26.27
CA LEU A 203 -12.41 18.62 -26.71
C LEU A 203 -13.79 18.13 -27.15
N GLN A 204 -13.84 17.08 -27.98
CA GLN A 204 -15.08 16.50 -28.46
C GLN A 204 -15.99 16.07 -27.31
N GLU A 205 -15.47 15.25 -26.41
CA GLU A 205 -16.28 14.56 -25.41
C GLU A 205 -16.25 15.24 -24.05
N PHE A 206 -15.98 16.53 -23.98
CA PHE A 206 -15.72 17.16 -22.70
C PHE A 206 -16.94 17.15 -21.78
N LYS A 207 -16.73 16.68 -20.56
CA LYS A 207 -17.77 16.62 -19.53
C LYS A 207 -17.23 17.30 -18.28
N PRO A 208 -17.97 18.22 -17.67
CA PRO A 208 -17.48 18.87 -16.45
C PRO A 208 -17.42 17.88 -15.30
N ARG A 209 -16.66 18.24 -14.28
CA ARG A 209 -16.45 17.31 -13.17
C ARG A 209 -16.52 18.02 -11.81
N SER A 210 -17.27 19.12 -11.75
CA SER A 210 -17.51 19.87 -10.52
C SER A 210 -18.59 20.92 -10.79
N GLN A 211 -19.18 21.42 -9.72
CA GLN A 211 -20.12 22.53 -9.85
C GLN A 211 -19.45 23.70 -10.56
N MET A 212 -18.23 24.04 -10.17
CA MET A 212 -17.56 25.19 -10.78
C MET A 212 -17.43 25.01 -12.28
N GLU A 213 -17.12 23.80 -12.72
CA GLU A 213 -17.03 23.52 -14.15
C GLU A 213 -18.40 23.58 -14.79
N ILE A 214 -19.42 23.03 -14.13
CA ILE A 214 -20.77 23.16 -14.67
C ILE A 214 -21.15 24.62 -14.78
N ASP A 215 -20.79 25.41 -13.77
CA ASP A 215 -21.12 26.83 -13.81
C ASP A 215 -20.40 27.52 -14.96
N PHE A 216 -19.12 27.22 -15.13
CA PHE A 216 -18.35 27.82 -16.22
C PHE A 216 -18.99 27.54 -17.58
N LEU A 217 -19.46 26.32 -17.79
CA LEU A 217 -20.03 25.98 -19.09
C LEU A 217 -21.37 26.67 -19.31
N GLU A 218 -22.19 26.76 -18.25
CA GLU A 218 -23.55 27.30 -18.41
C GLU A 218 -23.56 28.83 -18.32
N LEU A 219 -22.91 29.40 -17.32
CA LEU A 219 -23.03 30.83 -17.11
C LEU A 219 -22.32 31.62 -18.20
N ALA A 220 -22.71 32.90 -18.31
CA ALA A 220 -21.95 33.84 -19.09
C ALA A 220 -20.66 34.18 -18.36
N MET A 221 -19.73 34.77 -19.11
CA MET A 221 -18.41 35.05 -18.57
C MET A 221 -18.50 35.91 -17.33
N ASP A 222 -19.12 37.08 -17.46
CA ASP A 222 -19.23 38.02 -16.35
C ASP A 222 -19.82 37.38 -15.12
N GLU A 223 -20.79 36.47 -15.32
CA GLU A 223 -21.58 35.94 -14.22
C GLU A 223 -20.76 34.94 -13.41
N PHE A 224 -20.10 34.00 -14.10
CA PHE A 224 -19.17 33.08 -13.44
C PHE A 224 -18.08 33.84 -12.71
N ILE A 225 -17.49 34.84 -13.35
CA ILE A 225 -16.36 35.53 -12.74
C ILE A 225 -16.80 36.21 -11.45
N GLU A 226 -18.03 36.72 -11.44
CA GLU A 226 -18.55 37.27 -10.20
C GLU A 226 -18.88 36.16 -9.21
N ARG A 227 -19.62 35.12 -9.66
CA ARG A 227 -20.06 34.08 -8.73
C ARG A 227 -18.88 33.42 -8.02
N TYR A 228 -17.76 33.24 -8.72
CA TYR A 228 -16.59 32.64 -8.11
C TYR A 228 -15.54 33.67 -7.79
N LYS A 229 -15.95 34.93 -7.69
CA LYS A 229 -15.15 35.97 -7.08
C LYS A 229 -13.74 36.00 -7.67
N LEU A 230 -13.71 36.13 -9.01
CA LEU A 230 -12.47 35.99 -9.79
C LEU A 230 -12.01 37.29 -10.41
N GLU A 231 -12.60 38.42 -10.01
CA GLU A 231 -12.18 39.72 -10.53
C GLU A 231 -10.70 39.95 -10.27
N GLY A 232 -10.01 40.45 -11.28
CA GLY A 232 -8.59 40.73 -11.17
C GLY A 232 -7.69 39.56 -11.48
N TYR A 233 -8.25 38.40 -11.83
CA TYR A 233 -7.44 37.22 -12.11
C TYR A 233 -7.35 36.90 -13.59
N ALA A 234 -7.96 37.70 -14.46
CA ALA A 234 -7.76 37.64 -15.91
C ALA A 234 -8.24 36.32 -16.51
N PHE A 235 -9.27 35.69 -15.94
CA PHE A 235 -9.86 34.55 -16.64
C PHE A 235 -10.40 34.97 -18.00
N GLU A 236 -10.76 36.24 -18.16
CA GLU A 236 -11.20 36.71 -19.48
C GLU A 236 -10.14 36.43 -20.54
N HIS A 237 -8.86 36.67 -20.20
CA HIS A 237 -7.74 36.36 -21.08
C HIS A 237 -7.28 34.92 -20.94
N ILE A 238 -7.18 34.42 -19.70
CA ILE A 238 -6.49 33.16 -19.46
C ILE A 238 -7.34 31.98 -19.89
N VAL A 239 -8.58 31.92 -19.42
CA VAL A 239 -9.42 30.75 -19.59
C VAL A 239 -10.40 30.93 -20.74
N TYR A 240 -11.04 32.09 -20.81
CA TYR A 240 -12.08 32.29 -21.82
C TYR A 240 -11.46 32.55 -23.19
N GLY A 241 -10.37 33.30 -23.24
CA GLY A 241 -9.65 33.55 -24.46
C GLY A 241 -10.11 34.82 -25.15
N ASP A 242 -9.19 35.42 -25.88
CA ASP A 242 -9.41 36.71 -26.53
C ASP A 242 -9.24 36.50 -28.04
N PHE A 243 -10.35 36.55 -28.75
CA PHE A 243 -10.36 36.32 -30.19
C PHE A 243 -10.48 37.61 -30.97
N SER A 244 -10.18 38.75 -30.33
CA SER A 244 -10.44 40.06 -30.93
C SER A 244 -9.29 40.57 -31.75
N HIS A 245 -8.09 40.08 -31.51
CA HIS A 245 -6.88 40.51 -32.21
C HIS A 245 -6.39 39.41 -33.13
N SER A 246 -5.41 39.77 -33.96
CA SER A 246 -4.85 38.78 -34.89
C SER A 246 -4.17 37.64 -34.14
N GLN A 247 -3.43 37.96 -33.08
CA GLN A 247 -2.92 36.91 -32.20
C GLN A 247 -3.99 36.59 -31.16
N LEU A 248 -4.32 35.31 -31.08
CA LEU A 248 -5.33 34.84 -30.16
C LEU A 248 -4.73 34.91 -28.75
N GLY A 249 -5.46 35.52 -27.83
CA GLY A 249 -4.94 35.81 -26.50
C GLY A 249 -5.34 34.73 -25.51
N GLY A 250 -4.39 34.31 -24.70
CA GLY A 250 -4.70 33.40 -23.62
C GLY A 250 -5.18 32.03 -24.10
N LEU A 251 -6.28 31.56 -23.51
CA LEU A 251 -6.94 30.29 -23.86
C LEU A 251 -6.02 29.09 -23.55
N HIS A 252 -5.79 28.88 -22.26
CA HIS A 252 -4.83 27.87 -21.86
C HIS A 252 -5.45 26.73 -21.06
N LEU A 253 -6.76 26.73 -20.82
CA LEU A 253 -7.42 25.68 -20.07
C LEU A 253 -8.34 24.93 -21.00
N LEU A 254 -8.21 23.60 -21.01
CA LEU A 254 -8.97 22.80 -21.96
C LEU A 254 -10.47 23.08 -21.85
N ILE A 255 -10.97 23.28 -20.62
CA ILE A 255 -12.39 23.62 -20.49
C ILE A 255 -12.72 24.91 -21.23
N GLY A 256 -11.79 25.86 -21.29
CA GLY A 256 -12.06 27.08 -22.04
C GLY A 256 -12.19 26.84 -23.54
N LEU A 257 -11.29 26.06 -24.10
CA LEU A 257 -11.47 25.58 -25.47
C LEU A 257 -12.80 24.84 -25.62
N ALA A 258 -13.14 24.01 -24.64
CA ALA A 258 -14.38 23.26 -24.73
C ALA A 258 -15.58 24.19 -24.82
N LYS A 259 -15.60 25.23 -23.98
CA LYS A 259 -16.65 26.24 -24.07
C LYS A 259 -16.73 26.79 -25.50
N ARG A 260 -15.62 27.32 -26.01
CA ARG A 260 -15.65 27.94 -27.34
C ARG A 260 -16.09 26.95 -28.43
N PHE A 261 -15.78 25.66 -28.27
CA PHE A 261 -15.99 24.73 -29.37
C PHE A 261 -17.46 24.55 -29.70
N LYS A 262 -18.31 24.47 -28.69
CA LYS A 262 -19.75 24.34 -28.90
C LYS A 262 -20.41 25.62 -29.49
N GLU A 263 -19.74 26.77 -29.51
CA GLU A 263 -20.30 27.88 -30.30
C GLU A 263 -19.82 27.88 -31.75
N SER A 264 -18.50 27.98 -31.96
CA SER A 264 -17.95 27.95 -33.28
C SER A 264 -16.68 27.10 -33.28
N PRO A 265 -16.43 26.35 -34.35
CA PRO A 265 -15.30 25.42 -34.35
C PRO A 265 -13.99 26.17 -34.51
N PHE A 266 -12.90 25.49 -34.14
CA PHE A 266 -11.57 25.97 -34.46
C PHE A 266 -10.69 24.80 -34.84
N GLU A 267 -9.53 25.12 -35.42
CA GLU A 267 -8.53 24.15 -35.82
C GLU A 267 -7.41 24.15 -34.78
N LEU A 268 -6.97 22.95 -34.39
CA LEU A 268 -5.89 22.76 -33.41
C LEU A 268 -4.88 21.84 -34.07
N GLU A 269 -3.70 22.36 -34.42
CA GLU A 269 -2.78 21.47 -35.09
C GLU A 269 -1.98 20.85 -33.93
N ASP A 270 -2.03 19.56 -33.76
CA ASP A 270 -1.19 18.94 -32.74
C ASP A 270 0.22 18.74 -33.33
N PHE A 271 1.10 19.74 -33.23
CA PHE A 271 2.31 19.64 -34.05
C PHE A 271 3.48 18.93 -33.38
N ILE A 272 3.37 18.59 -32.10
CA ILE A 272 4.22 17.56 -31.49
C ILE A 272 3.30 16.50 -30.91
N PRO A 273 2.79 15.55 -31.74
CA PRO A 273 1.70 14.68 -31.27
C PRO A 273 2.19 13.57 -30.35
N MET A 274 2.16 13.86 -29.07
CA MET A 274 2.56 12.90 -28.05
C MET A 274 1.78 13.21 -26.78
N ASP A 275 1.65 12.21 -25.93
CA ASP A 275 0.99 12.42 -24.65
C ASP A 275 1.86 13.32 -23.78
N SER A 276 1.30 14.40 -23.28
CA SER A 276 2.09 15.12 -22.30
C SER A 276 1.19 16.03 -21.47
N THR A 277 1.68 16.34 -20.27
CA THR A 277 0.91 17.08 -19.27
C THR A 277 0.46 18.42 -19.82
N VAL A 278 1.37 19.17 -20.44
CA VAL A 278 1.02 20.38 -21.19
C VAL A 278 1.14 20.12 -22.68
N LYS A 279 0.12 20.52 -23.42
CA LYS A 279 0.09 20.32 -24.87
C LYS A 279 0.19 21.68 -25.57
N ASN A 280 0.84 21.67 -26.73
CA ASN A 280 1.02 22.87 -27.53
C ASN A 280 0.30 22.68 -28.86
N TYR A 281 -0.57 23.63 -29.19
CA TYR A 281 -1.32 23.57 -30.43
C TYR A 281 -1.14 24.86 -31.20
N PHE A 282 -1.04 24.74 -32.50
CA PHE A 282 -1.26 25.89 -33.36
C PHE A 282 -2.72 25.96 -33.75
N ILE A 283 -3.39 26.98 -33.19
CA ILE A 283 -4.83 27.14 -33.16
C ILE A 283 -5.24 28.28 -34.10
N THR A 284 -6.29 28.03 -34.90
CA THR A 284 -6.88 29.04 -35.78
C THR A 284 -8.37 29.09 -35.47
N ASP A 285 -8.89 30.25 -35.12
CA ASP A 285 -10.31 30.37 -34.83
C ASP A 285 -11.07 30.58 -36.13
N ALA A 286 -12.00 29.68 -36.44
CA ALA A 286 -12.72 29.71 -37.70
C ALA A 286 -13.63 30.93 -37.81
N GLN A 287 -14.21 31.38 -36.70
CA GLN A 287 -15.13 32.50 -36.77
C GLN A 287 -14.38 33.79 -37.08
N THR A 288 -13.33 34.09 -36.31
CA THR A 288 -12.70 35.40 -36.35
C THR A 288 -11.40 35.43 -37.16
N GLY A 289 -10.81 34.27 -37.46
CA GLY A 289 -9.46 34.29 -37.97
C GLY A 289 -8.40 34.62 -36.93
N SER A 290 -8.76 34.71 -35.66
CA SER A 290 -7.74 34.90 -34.64
C SER A 290 -6.88 33.64 -34.54
N SER A 291 -5.56 33.79 -34.37
CA SER A 291 -4.71 32.60 -34.33
C SER A 291 -3.49 32.81 -33.42
N LYS A 292 -2.81 31.70 -33.13
CA LYS A 292 -1.64 31.68 -32.27
C LYS A 292 -0.87 30.41 -32.54
N CYS A 293 0.44 30.55 -32.80
CA CYS A 293 1.26 29.43 -33.26
C CYS A 293 1.54 28.43 -32.16
N VAL A 294 1.91 28.91 -30.99
CA VAL A 294 2.22 28.06 -29.84
C VAL A 294 1.26 28.47 -28.74
N CYS A 295 0.16 27.73 -28.64
CA CYS A 295 -0.88 27.94 -27.63
C CYS A 295 -0.83 26.75 -26.71
N SER A 296 -0.25 26.95 -25.54
CA SER A 296 -0.12 25.86 -24.58
C SER A 296 -1.44 25.67 -23.84
N VAL A 297 -1.86 24.40 -23.69
CA VAL A 297 -3.15 24.03 -23.14
C VAL A 297 -2.95 22.94 -22.08
N ILE A 298 -3.66 23.08 -20.97
CA ILE A 298 -3.62 22.07 -19.91
C ILE A 298 -5.04 21.77 -19.47
N ASP A 299 -5.34 20.49 -19.21
CA ASP A 299 -6.64 20.09 -18.68
C ASP A 299 -6.52 19.88 -17.18
N LEU A 300 -6.63 20.98 -16.44
CA LEU A 300 -6.85 20.96 -15.01
C LEU A 300 -8.33 21.08 -14.72
N LEU A 301 -8.82 20.30 -13.76
CA LEU A 301 -10.09 20.61 -13.13
C LEU A 301 -10.09 22.09 -12.75
N LEU A 302 -11.14 22.81 -13.19
CA LEU A 302 -11.10 24.27 -13.06
C LEU A 302 -10.89 24.68 -11.61
N ASP A 303 -11.53 23.97 -10.68
CA ASP A 303 -11.27 24.18 -9.25
C ASP A 303 -9.78 24.24 -8.97
N ASP A 304 -9.03 23.27 -9.52
CA ASP A 304 -7.60 23.24 -9.27
C ASP A 304 -6.93 24.45 -9.85
N PHE A 305 -7.31 24.85 -11.07
CA PHE A 305 -6.70 26.03 -11.65
C PHE A 305 -6.99 27.26 -10.80
N VAL A 306 -8.24 27.43 -10.37
CA VAL A 306 -8.60 28.54 -9.49
C VAL A 306 -7.77 28.50 -8.21
N GLU A 307 -7.68 27.31 -7.60
CA GLU A 307 -6.86 27.17 -6.41
C GLU A 307 -5.43 27.60 -6.68
N ILE A 308 -4.89 27.24 -7.85
CA ILE A 308 -3.51 27.56 -8.16
C ILE A 308 -3.30 29.06 -8.32
N ILE A 309 -4.13 29.70 -9.14
CA ILE A 309 -3.86 31.10 -9.45
C ILE A 309 -4.12 31.99 -8.24
N LYS A 310 -5.14 31.65 -7.44
CA LYS A 310 -5.42 32.48 -6.27
C LYS A 310 -4.35 32.38 -5.18
N SER A 311 -3.60 31.27 -5.13
CA SER A 311 -2.46 31.08 -4.26
C SER A 311 -1.29 32.00 -4.57
N GLN A 312 -1.35 32.76 -5.65
CA GLN A 312 -0.19 33.46 -6.14
C GLN A 312 -0.06 34.83 -5.51
N ASP A 313 1.18 35.23 -5.25
CA ASP A 313 1.48 36.61 -4.92
C ASP A 313 1.39 37.48 -6.17
N LEU A 314 0.53 38.50 -6.14
CA LEU A 314 0.23 39.30 -7.33
C LEU A 314 1.00 40.60 -7.37
N SER A 315 2.13 40.68 -6.69
CA SER A 315 2.80 41.96 -6.47
C SER A 315 4.06 42.14 -7.31
N VAL A 316 4.39 41.20 -8.19
CA VAL A 316 5.57 41.30 -9.02
C VAL A 316 5.12 41.32 -10.47
N VAL A 317 5.82 42.08 -11.30
CA VAL A 317 5.41 42.22 -12.69
C VAL A 317 5.42 40.87 -13.40
N SER A 318 6.45 40.07 -13.15
CA SER A 318 6.65 38.82 -13.87
C SER A 318 7.50 37.87 -13.03
N LYS A 319 7.07 36.62 -12.92
CA LYS A 319 7.86 35.62 -12.21
C LYS A 319 7.45 34.22 -12.67
N VAL A 320 8.42 33.33 -12.63
CA VAL A 320 8.16 31.92 -12.89
C VAL A 320 7.48 31.33 -11.65
N VAL A 321 6.42 30.57 -11.89
CA VAL A 321 5.65 29.93 -10.83
C VAL A 321 5.62 28.43 -11.12
N LYS A 322 6.27 27.64 -10.26
CA LYS A 322 6.41 26.20 -10.46
C LYS A 322 5.27 25.48 -9.75
N VAL A 323 4.54 24.64 -10.47
CA VAL A 323 3.46 23.85 -9.93
C VAL A 323 3.69 22.39 -10.29
N THR A 324 3.47 21.50 -9.32
CA THR A 324 3.66 20.08 -9.57
C THR A 324 2.36 19.50 -10.10
N ILE A 325 2.44 18.87 -11.27
CA ILE A 325 1.28 18.37 -12.00
C ILE A 325 1.69 17.09 -12.70
N ASP A 326 0.92 16.04 -12.47
CA ASP A 326 1.27 14.74 -13.02
C ASP A 326 2.69 14.34 -12.63
N TYR A 327 3.09 14.69 -11.41
CA TYR A 327 4.39 14.40 -10.81
C TYR A 327 5.49 15.25 -11.41
N THR A 328 5.25 15.98 -12.47
CA THR A 328 6.34 16.78 -13.02
C THR A 328 6.20 18.24 -12.59
N GLU A 329 7.28 18.98 -12.69
CA GLU A 329 7.19 20.37 -12.28
C GLU A 329 6.91 21.21 -13.52
N ILE A 330 5.76 21.86 -13.52
CA ILE A 330 5.32 22.66 -14.63
C ILE A 330 5.57 24.11 -14.32
N SER A 331 6.26 24.82 -15.21
CA SER A 331 6.52 26.25 -15.03
C SER A 331 5.40 27.07 -15.64
N PHE A 332 4.93 28.06 -14.89
CA PHE A 332 4.00 29.04 -15.41
C PHE A 332 4.66 30.41 -15.41
N MET A 333 4.27 31.26 -16.35
CA MET A 333 4.61 32.67 -16.27
C MET A 333 3.42 33.41 -15.70
N LEU A 334 3.67 34.24 -14.70
CA LEU A 334 2.64 35.05 -14.08
C LEU A 334 3.00 36.51 -14.31
N TRP A 335 2.18 37.22 -15.08
CA TRP A 335 2.39 38.63 -15.34
C TRP A 335 1.33 39.42 -14.60
N CYS A 336 1.78 40.33 -13.75
CA CYS A 336 0.89 41.11 -12.91
C CYS A 336 1.10 42.60 -13.16
N LYS A 337 0.05 43.37 -12.86
CA LYS A 337 0.07 44.83 -12.93
C LYS A 337 -0.88 45.37 -11.88
N ASP A 338 -0.36 46.23 -11.00
CA ASP A 338 -1.19 46.92 -10.01
C ASP A 338 -2.03 45.93 -9.20
N GLY A 339 -1.41 44.79 -8.87
CA GLY A 339 -2.03 43.78 -8.02
C GLY A 339 -3.11 42.96 -8.65
N HIS A 340 -3.27 43.03 -9.96
CA HIS A 340 -4.19 42.14 -10.65
C HIS A 340 -3.42 41.37 -11.71
N VAL A 341 -3.95 40.19 -12.03
CA VAL A 341 -3.31 39.33 -13.02
C VAL A 341 -3.50 39.90 -14.41
N GLU A 342 -2.40 40.02 -15.16
CA GLU A 342 -2.50 40.28 -16.60
C GLU A 342 -2.55 38.96 -17.37
N THR A 343 -1.52 38.11 -17.21
CA THR A 343 -1.61 36.80 -17.80
C THR A 343 -0.90 35.76 -16.94
N PHE A 344 -1.25 34.50 -17.20
CA PHE A 344 -0.73 33.36 -16.43
C PHE A 344 -0.81 32.14 -17.34
N TYR A 345 0.32 31.65 -17.80
CA TYR A 345 0.27 30.61 -18.80
C TYR A 345 1.41 29.64 -18.59
N PRO A 346 1.24 28.38 -19.00
CA PRO A 346 2.37 27.43 -19.03
C PRO A 346 3.51 27.99 -19.86
N LYS A 347 4.66 28.20 -19.20
CA LYS A 347 5.80 28.85 -19.83
C LYS A 347 6.31 28.06 -21.03
N LEU A 348 6.41 28.75 -22.17
CA LEU A 348 6.94 28.14 -23.39
C LEU A 348 8.45 27.98 -23.24
N GLN A 349 8.94 26.76 -23.46
CA GLN A 349 10.35 26.43 -23.24
C GLN A 349 11.16 26.45 -24.54
N ALA B 2 -25.65 -28.19 33.48
CA ALA B 2 -25.79 -27.57 34.80
C ALA B 2 -24.43 -27.01 35.22
N MET B 3 -24.22 -25.73 34.89
CA MET B 3 -23.00 -25.03 35.25
C MET B 3 -23.02 -24.66 36.73
N SER B 4 -21.88 -24.89 37.40
CA SER B 4 -21.76 -24.54 38.82
C SER B 4 -20.32 -24.17 39.14
N LEU B 5 -20.16 -23.37 40.19
CA LEU B 5 -18.83 -23.11 40.70
C LEU B 5 -18.13 -24.42 41.08
N GLU B 6 -18.81 -25.26 41.85
CA GLU B 6 -18.18 -26.50 42.32
C GLU B 6 -17.86 -27.47 41.17
N ASN B 7 -18.64 -27.46 40.10
CA ASN B 7 -18.32 -28.36 39.01
C ASN B 7 -17.11 -27.90 38.19
N VAL B 8 -17.04 -26.59 37.90
CA VAL B 8 -15.85 -26.02 37.29
C VAL B 8 -14.60 -26.36 38.12
N ALA B 9 -14.71 -26.26 39.44
CA ALA B 9 -13.58 -26.58 40.30
C ALA B 9 -13.23 -28.07 40.25
N PHE B 10 -14.25 -28.94 40.18
CA PHE B 10 -13.98 -30.35 40.01
C PHE B 10 -13.19 -30.59 38.73
N ASN B 11 -13.56 -29.90 37.65
CA ASN B 11 -12.88 -30.09 36.38
C ASN B 11 -11.44 -29.64 36.47
N VAL B 12 -11.20 -28.46 37.05
CA VAL B 12 -9.83 -28.00 37.26
C VAL B 12 -9.03 -29.05 38.03
N VAL B 13 -9.53 -29.48 39.19
CA VAL B 13 -8.78 -30.38 40.06
C VAL B 13 -8.42 -31.68 39.37
N ASN B 14 -9.36 -32.21 38.56
CA ASN B 14 -9.21 -33.56 38.02
C ASN B 14 -8.74 -33.61 36.59
N LYS B 15 -9.05 -32.58 35.78
CA LYS B 15 -8.67 -32.54 34.39
C LYS B 15 -7.74 -31.38 34.05
N GLY B 16 -7.41 -30.52 35.02
CA GLY B 16 -6.48 -29.42 34.82
C GLY B 16 -7.09 -28.19 34.17
N HIS B 17 -8.33 -28.27 33.69
CA HIS B 17 -9.01 -27.24 32.97
C HIS B 17 -10.44 -27.74 32.80
N PHE B 18 -11.34 -26.87 32.36
CA PHE B 18 -12.72 -27.32 32.27
C PHE B 18 -12.82 -28.27 31.09
N ASP B 19 -13.51 -29.42 31.30
CA ASP B 19 -13.52 -30.49 30.31
C ASP B 19 -14.89 -31.14 30.19
N GLY B 20 -15.93 -30.48 30.67
CA GLY B 20 -17.26 -31.06 30.56
C GLY B 20 -17.53 -32.26 31.45
N GLN B 21 -16.62 -32.60 32.35
CA GLN B 21 -16.85 -33.71 33.26
C GLN B 21 -17.93 -33.37 34.28
N GLN B 22 -18.54 -34.38 34.85
CA GLN B 22 -19.49 -34.18 35.95
C GLN B 22 -18.79 -34.41 37.28
N GLY B 23 -19.27 -33.70 38.29
CA GLY B 23 -18.74 -33.90 39.62
C GLY B 23 -18.68 -32.59 40.37
N GLU B 24 -18.38 -32.64 41.66
CA GLU B 24 -18.29 -31.43 42.45
C GLU B 24 -17.19 -31.59 43.49
N VAL B 25 -16.61 -30.46 43.87
CA VAL B 25 -15.68 -30.42 45.00
C VAL B 25 -16.02 -29.22 45.86
N PRO B 26 -15.68 -29.28 47.14
CA PRO B 26 -15.96 -28.14 48.02
C PRO B 26 -15.11 -26.96 47.61
N VAL B 27 -15.74 -25.80 47.49
CA VAL B 27 -15.07 -24.57 47.12
C VAL B 27 -15.37 -23.51 48.16
N SER B 28 -14.36 -22.74 48.54
CA SER B 28 -14.55 -21.51 49.29
C SER B 28 -13.92 -20.36 48.53
N ILE B 29 -14.61 -19.21 48.52
CA ILE B 29 -14.10 -18.00 47.90
C ILE B 29 -13.78 -16.97 48.98
N ILE B 30 -12.53 -16.49 48.99
CA ILE B 30 -12.06 -15.45 49.92
C ILE B 30 -11.23 -14.46 49.11
N ASN B 31 -11.23 -13.17 49.46
N ASN B 31 -11.60 -13.20 49.30
CA ASN B 31 -10.29 -12.20 48.84
CA ASN B 31 -11.62 -12.05 48.44
C ASN B 31 -9.64 -12.56 47.48
C ASN B 31 -11.63 -12.42 46.97
N ASN B 32 -10.44 -12.46 46.42
CA ASN B 32 -10.13 -12.74 45.01
C ASN B 32 -9.53 -14.12 44.76
N THR B 33 -9.61 -15.02 45.73
CA THR B 33 -8.96 -16.31 45.61
C THR B 33 -9.98 -17.44 45.73
N VAL B 34 -9.81 -18.44 44.88
CA VAL B 34 -10.67 -19.62 44.85
C VAL B 34 -9.89 -20.80 45.45
N TYR B 35 -10.43 -21.39 46.52
CA TYR B 35 -9.82 -22.55 47.17
C TYR B 35 -10.72 -23.76 47.08
N THR B 36 -10.11 -24.92 47.21
CA THR B 36 -10.83 -26.17 47.37
C THR B 36 -10.26 -26.90 48.58
N LYS B 37 -11.09 -27.70 49.22
CA LYS B 37 -10.65 -28.48 50.37
C LYS B 37 -10.08 -29.80 49.88
N VAL B 38 -8.86 -30.11 50.31
CA VAL B 38 -8.24 -31.40 50.02
C VAL B 38 -7.83 -31.98 51.36
N ASP B 39 -8.51 -33.03 51.80
CA ASP B 39 -8.21 -33.68 53.07
C ASP B 39 -8.13 -32.63 54.18
N GLY B 40 -9.17 -31.82 54.26
CA GLY B 40 -9.34 -30.93 55.37
C GLY B 40 -8.50 -29.65 55.38
N VAL B 41 -7.63 -29.40 54.38
CA VAL B 41 -6.98 -28.08 54.29
C VAL B 41 -7.31 -27.46 52.94
N ASP B 42 -7.31 -26.13 52.92
CA ASP B 42 -7.69 -25.40 51.71
C ASP B 42 -6.49 -25.25 50.78
N VAL B 43 -6.70 -25.53 49.50
CA VAL B 43 -5.64 -25.45 48.50
C VAL B 43 -6.07 -24.41 47.48
N GLU B 44 -5.17 -23.46 47.20
CA GLU B 44 -5.49 -22.35 46.32
C GLU B 44 -5.57 -22.84 44.88
N LEU B 45 -6.61 -22.43 44.19
CA LEU B 45 -6.88 -23.03 42.92
C LEU B 45 -6.89 -21.98 41.82
N PHE B 46 -7.10 -20.71 42.19
CA PHE B 46 -7.06 -19.61 41.24
C PHE B 46 -7.12 -18.26 41.96
N GLU B 47 -6.19 -17.36 41.63
CA GLU B 47 -6.23 -15.98 42.11
C GLU B 47 -6.70 -15.07 40.98
N ASN B 48 -7.80 -14.36 41.22
CA ASN B 48 -8.34 -13.43 40.26
C ASN B 48 -7.45 -12.20 40.12
N LYS B 49 -6.96 -11.96 38.91
CA LYS B 49 -6.24 -10.74 38.61
C LYS B 49 -6.99 -9.86 37.62
N THR B 50 -8.30 -10.09 37.45
CA THR B 50 -9.11 -9.41 36.44
C THR B 50 -10.11 -8.46 37.08
N THR B 51 -10.79 -7.70 36.22
CA THR B 51 -11.84 -6.79 36.65
C THR B 51 -13.18 -7.49 36.75
N LEU B 52 -13.20 -8.82 36.56
CA LEU B 52 -14.43 -9.58 36.65
C LEU B 52 -14.64 -10.07 38.07
N PRO B 53 -15.84 -10.52 38.41
CA PRO B 53 -16.01 -11.16 39.72
C PRO B 53 -15.19 -12.44 39.78
N VAL B 54 -14.75 -12.78 40.99
CA VAL B 54 -13.76 -13.85 41.15
C VAL B 54 -14.29 -15.16 40.57
N ASN B 55 -15.56 -15.51 40.84
CA ASN B 55 -16.04 -16.80 40.35
C ASN B 55 -16.25 -16.78 38.85
N VAL B 56 -16.60 -15.62 38.30
CA VAL B 56 -16.75 -15.50 36.86
C VAL B 56 -15.40 -15.65 36.17
N ALA B 57 -14.39 -14.94 36.67
CA ALA B 57 -13.04 -15.04 36.10
C ALA B 57 -12.52 -16.47 36.21
N PHE B 58 -12.74 -17.11 37.35
CA PHE B 58 -12.34 -18.51 37.54
C PHE B 58 -12.90 -19.39 36.43
N GLU B 59 -14.19 -19.23 36.11
CA GLU B 59 -14.80 -20.09 35.10
C GLU B 59 -14.24 -19.80 33.71
N LEU B 60 -14.13 -18.52 33.33
CA LEU B 60 -13.60 -18.22 32.01
C LEU B 60 -12.17 -18.73 31.86
N TRP B 61 -11.36 -18.60 32.92
CA TRP B 61 -10.01 -19.17 32.88
C TRP B 61 -10.06 -20.70 32.73
N ALA B 62 -10.81 -21.37 33.58
CA ALA B 62 -11.00 -22.81 33.42
C ALA B 62 -11.38 -23.17 31.99
N LYS B 63 -12.14 -22.31 31.30
CA LYS B 63 -12.68 -22.62 29.98
C LYS B 63 -11.82 -22.06 28.85
N ARG B 64 -10.59 -21.66 29.15
CA ARG B 64 -9.71 -21.08 28.15
C ARG B 64 -9.42 -22.08 27.03
N ASN B 65 -9.21 -21.54 25.83
CA ASN B 65 -8.79 -22.37 24.72
C ASN B 65 -7.42 -22.97 25.00
N ILE B 66 -7.32 -24.29 24.92
CA ILE B 66 -6.04 -24.94 25.18
C ILE B 66 -5.41 -25.46 23.89
N LYS B 67 -5.89 -25.01 22.76
CA LYS B 67 -5.18 -25.30 21.53
C LYS B 67 -4.35 -24.09 21.16
N PRO B 68 -3.30 -24.26 20.37
CA PRO B 68 -2.56 -23.10 19.88
C PRO B 68 -3.52 -22.12 19.22
N VAL B 69 -3.48 -20.88 19.67
CA VAL B 69 -4.40 -19.86 19.17
C VAL B 69 -3.59 -18.63 18.80
N PRO B 70 -4.14 -17.74 17.97
CA PRO B 70 -3.39 -16.53 17.59
C PRO B 70 -2.96 -15.75 18.83
N GLU B 71 -1.83 -15.05 18.72
CA GLU B 71 -1.47 -14.21 19.85
C GLU B 71 -2.46 -13.06 19.94
N VAL B 72 -2.69 -12.60 21.16
CA VAL B 72 -3.70 -11.58 21.38
C VAL B 72 -3.43 -10.33 20.54
N LYS B 73 -2.15 -9.95 20.40
CA LYS B 73 -1.86 -8.78 19.57
C LYS B 73 -2.40 -8.95 18.14
N ILE B 74 -2.29 -10.17 17.60
CA ILE B 74 -2.83 -10.39 16.26
C ILE B 74 -4.34 -10.22 16.25
N LEU B 75 -5.01 -10.72 17.28
CA LEU B 75 -6.46 -10.63 17.24
C LEU B 75 -6.93 -9.19 17.43
N ASN B 76 -6.26 -8.43 18.31
CA ASN B 76 -6.61 -7.02 18.47
C ASN B 76 -6.38 -6.26 17.19
N ASN B 77 -5.29 -6.57 16.49
CA ASN B 77 -4.93 -5.80 15.31
C ASN B 77 -5.98 -5.99 14.22
N LEU B 78 -6.55 -7.19 14.13
CA LEU B 78 -7.62 -7.47 13.20
C LEU B 78 -9.00 -7.08 13.74
N GLY B 79 -9.08 -6.50 14.93
CA GLY B 79 -10.37 -6.02 15.42
C GLY B 79 -11.34 -7.05 15.96
N VAL B 80 -10.86 -8.17 16.50
CA VAL B 80 -11.76 -9.19 17.05
C VAL B 80 -12.40 -8.66 18.32
N ASP B 81 -13.72 -8.77 18.42
CA ASP B 81 -14.43 -8.30 19.60
C ASP B 81 -14.77 -9.40 20.58
N ILE B 82 -14.88 -10.64 20.09
CA ILE B 82 -15.50 -11.72 20.85
C ILE B 82 -15.17 -12.99 20.11
N ALA B 83 -15.18 -14.12 20.83
CA ALA B 83 -14.82 -15.40 20.24
C ALA B 83 -16.02 -16.33 20.22
N ALA B 84 -16.04 -17.22 19.24
CA ALA B 84 -17.15 -18.15 19.06
C ALA B 84 -16.93 -19.39 19.91
N ASN B 85 -17.67 -19.51 21.01
CA ASN B 85 -17.73 -20.75 21.77
C ASN B 85 -16.37 -21.18 22.31
N THR B 86 -15.53 -20.21 22.62
CA THR B 86 -14.28 -20.45 23.30
C THR B 86 -13.95 -19.18 24.03
N VAL B 87 -12.95 -19.28 24.92
CA VAL B 87 -12.36 -18.13 25.60
C VAL B 87 -10.91 -18.06 25.19
N ILE B 88 -10.51 -16.97 24.56
CA ILE B 88 -9.09 -16.69 24.35
C ILE B 88 -8.57 -16.02 25.61
N TRP B 89 -7.70 -16.73 26.34
CA TRP B 89 -7.16 -16.24 27.58
C TRP B 89 -5.91 -15.42 27.31
N ASP B 90 -5.83 -14.25 27.89
CA ASP B 90 -4.75 -13.31 27.63
C ASP B 90 -3.73 -13.47 28.76
N TYR B 91 -2.68 -14.22 28.49
CA TYR B 91 -1.70 -14.56 29.51
C TYR B 91 -0.78 -13.41 29.83
N LYS B 92 -0.77 -12.36 29.02
CA LYS B 92 0.02 -11.22 29.41
C LYS B 92 -0.75 -10.34 30.39
N ARG B 93 -2.07 -10.39 30.34
CA ARG B 93 -2.87 -9.61 31.28
C ARG B 93 -3.49 -10.48 32.37
N ASP B 94 -3.19 -11.77 32.39
CA ASP B 94 -3.88 -12.72 33.26
C ASP B 94 -5.37 -12.45 33.27
N ALA B 95 -5.97 -12.36 32.08
CA ALA B 95 -7.39 -12.01 31.99
C ALA B 95 -7.91 -12.51 30.67
N PRO B 96 -9.23 -12.56 30.50
CA PRO B 96 -9.80 -12.92 29.20
C PRO B 96 -9.46 -11.87 28.15
N ALA B 97 -9.27 -12.33 26.92
CA ALA B 97 -8.95 -11.38 25.85
C ALA B 97 -10.13 -10.52 25.48
N HIS B 98 -11.35 -10.97 25.73
CA HIS B 98 -12.55 -10.28 25.27
C HIS B 98 -13.53 -10.10 26.42
N ILE B 99 -14.34 -9.05 26.35
CA ILE B 99 -15.24 -8.74 27.46
C ILE B 99 -16.26 -9.85 27.63
N SER B 100 -17.00 -10.12 26.56
CA SER B 100 -18.15 -11.00 26.55
C SER B 100 -17.78 -12.33 25.94
N THR B 101 -18.71 -13.27 26.02
CA THR B 101 -18.52 -14.61 25.49
C THR B 101 -19.76 -15.01 24.68
N ILE B 102 -19.62 -16.11 23.95
CA ILE B 102 -20.72 -16.66 23.16
C ILE B 102 -20.74 -18.15 23.40
N GLY B 103 -21.77 -18.63 24.09
CA GLY B 103 -21.88 -20.05 24.35
C GLY B 103 -20.81 -20.60 25.29
N VAL B 104 -20.41 -19.82 26.29
CA VAL B 104 -19.30 -20.25 27.14
C VAL B 104 -19.65 -20.26 28.62
N CYS B 105 -20.19 -19.13 29.11
CA CYS B 105 -20.43 -18.87 30.51
C CYS B 105 -21.67 -18.01 30.68
N SER B 106 -22.50 -18.35 31.67
CA SER B 106 -23.81 -17.71 31.74
C SER B 106 -23.72 -16.25 32.17
N MET B 107 -22.78 -15.89 33.05
CA MET B 107 -22.68 -14.51 33.52
C MET B 107 -22.14 -13.54 32.47
N THR B 108 -21.43 -14.05 31.45
CA THR B 108 -20.78 -13.21 30.44
C THR B 108 -21.28 -13.44 29.02
N ASP B 109 -22.04 -14.50 28.78
CA ASP B 109 -22.56 -14.76 27.43
C ASP B 109 -23.46 -13.62 26.97
N ILE B 110 -23.32 -13.23 25.71
CA ILE B 110 -24.30 -12.35 25.09
C ILE B 110 -25.23 -13.14 24.20
N ALA B 111 -24.87 -14.37 23.85
CA ALA B 111 -25.62 -15.27 22.99
C ALA B 111 -25.15 -16.69 23.26
N LYS B 112 -25.85 -17.67 22.70
CA LYS B 112 -25.30 -18.99 22.82
C LYS B 112 -24.72 -19.49 21.52
N LYS B 113 -25.11 -18.90 20.39
CA LYS B 113 -24.47 -19.16 19.12
C LYS B 113 -24.21 -17.84 18.41
N PRO B 114 -23.14 -17.76 17.62
CA PRO B 114 -22.84 -16.51 16.89
C PRO B 114 -23.89 -16.13 15.84
N THR B 115 -24.73 -17.07 15.41
CA THR B 115 -25.80 -16.73 14.48
C THR B 115 -26.81 -15.76 15.08
N GLU B 116 -26.89 -15.65 16.40
CA GLU B 116 -27.86 -14.74 16.99
C GLU B 116 -27.59 -13.30 16.56
N THR B 117 -28.65 -12.48 16.56
CA THR B 117 -28.51 -11.18 15.93
C THR B 117 -27.65 -10.22 16.74
N ILE B 118 -27.55 -10.39 18.07
CA ILE B 118 -26.70 -9.51 18.88
C ILE B 118 -25.24 -9.59 18.44
N CYS B 119 -24.85 -10.66 17.73
CA CYS B 119 -23.47 -10.91 17.31
C CYS B 119 -23.11 -10.33 15.97
N ALA B 120 -24.09 -10.20 15.06
CA ALA B 120 -23.88 -9.66 13.72
C ALA B 120 -22.93 -8.48 13.67
N PRO B 121 -23.08 -7.42 14.49
CA PRO B 121 -22.13 -6.30 14.42
C PRO B 121 -20.72 -6.61 14.93
N LEU B 122 -20.55 -7.59 15.81
CA LEU B 122 -19.25 -7.81 16.44
C LEU B 122 -18.36 -8.61 15.51
N THR B 123 -17.07 -8.29 15.49
CA THR B 123 -16.16 -9.17 14.75
C THR B 123 -15.91 -10.42 15.57
N VAL B 124 -16.44 -11.54 15.11
CA VAL B 124 -16.41 -12.78 15.85
C VAL B 124 -15.27 -13.60 15.34
N PHE B 125 -14.50 -14.16 16.25
CA PHE B 125 -13.39 -15.03 15.88
C PHE B 125 -13.90 -16.46 15.74
N PHE B 126 -13.70 -17.02 14.54
CA PHE B 126 -14.04 -18.39 14.22
C PHE B 126 -12.76 -19.19 14.05
N ASP B 127 -12.76 -20.44 14.56
CA ASP B 127 -11.62 -21.35 14.54
C ASP B 127 -11.95 -22.51 13.59
N GLY B 128 -11.38 -22.47 12.39
CA GLY B 128 -11.73 -23.46 11.39
C GLY B 128 -11.52 -24.88 11.87
N ARG B 129 -10.65 -25.07 12.85
CA ARG B 129 -10.36 -26.38 13.42
C ARG B 129 -11.54 -26.97 14.16
N VAL B 130 -12.56 -26.17 14.46
CA VAL B 130 -13.77 -26.64 15.11
C VAL B 130 -14.80 -26.92 14.00
N ASP B 131 -15.30 -28.16 13.95
CA ASP B 131 -16.39 -28.53 13.04
C ASP B 131 -17.40 -27.41 12.98
N GLY B 132 -17.73 -26.95 11.77
CA GLY B 132 -18.85 -26.05 11.59
C GLY B 132 -18.54 -24.56 11.72
N GLN B 133 -17.33 -24.19 12.11
CA GLN B 133 -17.10 -22.76 12.31
C GLN B 133 -16.74 -22.06 11.00
N VAL B 134 -15.98 -22.72 10.11
CA VAL B 134 -15.83 -22.19 8.75
C VAL B 134 -17.17 -21.80 8.15
N ASP B 135 -18.21 -22.63 8.36
CA ASP B 135 -19.51 -22.31 7.75
C ASP B 135 -20.23 -21.24 8.54
N LEU B 136 -19.99 -21.14 9.85
CA LEU B 136 -20.53 -20.02 10.61
C LEU B 136 -19.90 -18.70 10.18
N PHE B 137 -18.61 -18.73 9.83
CA PHE B 137 -17.94 -17.52 9.35
C PHE B 137 -18.56 -17.04 8.02
N ARG B 138 -18.76 -17.97 7.07
CA ARG B 138 -19.43 -17.66 5.80
C ARG B 138 -20.75 -16.92 6.02
N ASN B 139 -21.53 -17.34 7.00
CA ASN B 139 -22.81 -16.71 7.25
C ASN B 139 -22.73 -15.59 8.27
N ALA B 140 -21.52 -15.27 8.74
CA ALA B 140 -21.31 -14.19 9.70
C ALA B 140 -21.08 -12.86 8.97
N ARG B 141 -21.67 -11.81 9.53
CA ARG B 141 -21.55 -10.48 8.94
C ARG B 141 -20.16 -9.90 9.18
N ASN B 142 -19.69 -9.94 10.43
CA ASN B 142 -18.32 -9.52 10.77
C ASN B 142 -17.63 -10.67 11.48
N GLY B 143 -16.42 -10.98 11.04
CA GLY B 143 -15.73 -12.13 11.56
C GLY B 143 -14.30 -12.24 11.08
N VAL B 144 -13.49 -12.96 11.88
CA VAL B 144 -12.13 -13.34 11.56
C VAL B 144 -12.04 -14.84 11.69
N LEU B 145 -11.32 -15.49 10.79
CA LEU B 145 -11.33 -16.93 10.72
C LEU B 145 -9.90 -17.46 10.54
N ILE B 146 -9.55 -18.49 11.30
CA ILE B 146 -8.28 -19.17 11.10
C ILE B 146 -8.54 -20.59 10.63
N THR B 147 -7.62 -21.10 9.82
CA THR B 147 -7.73 -22.46 9.32
C THR B 147 -6.32 -23.01 9.17
N GLU B 148 -6.24 -24.32 9.07
CA GLU B 148 -4.97 -24.98 8.89
C GLU B 148 -4.66 -25.24 7.43
N GLY B 149 -5.66 -25.26 6.56
CA GLY B 149 -5.47 -25.52 5.15
C GLY B 149 -6.45 -24.67 4.37
N SER B 150 -6.62 -24.96 3.08
CA SER B 150 -7.33 -24.04 2.21
C SER B 150 -8.83 -24.10 2.48
N VAL B 151 -9.47 -22.96 2.29
CA VAL B 151 -10.92 -22.80 2.38
C VAL B 151 -11.43 -22.55 0.97
N LYS B 152 -12.36 -23.36 0.52
CA LYS B 152 -12.76 -23.25 -0.87
C LYS B 152 -13.50 -21.94 -1.09
N GLY B 153 -13.10 -21.23 -2.14
CA GLY B 153 -13.76 -20.00 -2.50
C GLY B 153 -13.26 -18.77 -1.81
N LEU B 154 -12.14 -18.87 -1.09
CA LEU B 154 -11.60 -17.77 -0.30
C LEU B 154 -10.09 -17.75 -0.39
N GLN B 155 -9.52 -16.62 -0.83
CA GLN B 155 -8.07 -16.47 -0.89
C GLN B 155 -7.50 -16.21 0.50
N PRO B 156 -6.51 -16.96 0.93
CA PRO B 156 -6.05 -16.87 2.32
C PRO B 156 -4.97 -15.81 2.53
N SER B 157 -4.86 -15.37 3.77
CA SER B 157 -3.71 -14.57 4.23
C SER B 157 -2.86 -15.44 5.15
N VAL B 158 -1.60 -15.65 4.80
CA VAL B 158 -0.72 -16.51 5.59
C VAL B 158 -0.25 -15.78 6.83
N GLY B 159 -0.47 -16.40 8.00
CA GLY B 159 -0.20 -15.77 9.28
C GLY B 159 1.23 -15.92 9.74
N PRO B 160 1.49 -15.50 10.99
CA PRO B 160 2.81 -15.71 11.58
C PRO B 160 3.11 -17.19 11.76
N LYS B 161 4.40 -17.49 11.79
CA LYS B 161 4.79 -18.87 12.04
C LYS B 161 4.36 -19.33 13.44
N GLN B 162 4.22 -18.39 14.38
CA GLN B 162 4.12 -18.71 15.81
C GLN B 162 2.69 -18.53 16.31
N ALA B 163 2.33 -19.33 17.32
CA ALA B 163 1.06 -19.14 18.00
C ALA B 163 1.26 -19.34 19.49
N SER B 164 0.21 -19.05 20.25
CA SER B 164 0.24 -19.18 21.70
C SER B 164 -0.45 -20.49 22.10
N LEU B 165 0.27 -21.37 22.79
CA LEU B 165 -0.31 -22.57 23.38
C LEU B 165 -0.14 -22.47 24.89
N ASN B 166 -1.24 -22.19 25.60
CA ASN B 166 -1.22 -22.06 27.06
C ASN B 166 -0.21 -21.01 27.51
N GLY B 167 -0.25 -19.86 26.84
CA GLY B 167 0.65 -18.79 27.18
C GLY B 167 2.07 -18.97 26.71
N VAL B 168 2.42 -20.08 26.06
CA VAL B 168 3.76 -20.22 25.48
C VAL B 168 3.65 -19.89 24.00
N THR B 169 4.41 -18.88 23.57
CA THR B 169 4.44 -18.52 22.17
C THR B 169 5.50 -19.40 21.51
N LEU B 170 5.09 -20.21 20.53
CA LEU B 170 6.02 -21.15 19.94
C LEU B 170 5.67 -21.40 18.48
N ILE B 171 6.68 -21.82 17.73
CA ILE B 171 6.51 -22.31 16.37
C ILE B 171 6.36 -23.82 16.45
N GLY B 172 5.17 -24.29 16.10
CA GLY B 172 4.76 -25.65 16.43
C GLY B 172 5.50 -26.68 15.60
N GLU B 173 5.97 -27.72 16.25
CA GLU B 173 6.58 -28.88 15.62
C GLU B 173 5.71 -30.12 15.71
N ALA B 174 5.03 -30.33 16.84
CA ALA B 174 4.10 -31.44 17.00
C ALA B 174 2.66 -31.03 16.72
N VAL B 175 2.43 -29.73 16.57
CA VAL B 175 1.14 -29.15 16.26
C VAL B 175 1.39 -28.01 15.29
N LYS B 176 0.34 -27.61 14.59
CA LYS B 176 0.45 -26.53 13.62
C LYS B 176 0.12 -25.23 14.32
N THR B 177 0.98 -24.23 14.12
CA THR B 177 0.79 -22.90 14.64
C THR B 177 0.62 -21.83 13.57
N GLN B 178 0.96 -22.11 12.30
CA GLN B 178 0.81 -21.14 11.21
C GLN B 178 -0.57 -21.28 10.57
N PHE B 179 -1.41 -20.27 10.72
CA PHE B 179 -2.79 -20.37 10.28
C PHE B 179 -3.01 -19.61 8.97
N ASN B 180 -4.12 -19.93 8.31
CA ASN B 180 -4.67 -19.04 7.31
C ASN B 180 -5.67 -18.13 7.99
N TYR B 181 -5.69 -16.88 7.56
CA TYR B 181 -6.44 -15.81 8.21
C TYR B 181 -7.44 -15.25 7.22
N TYR B 182 -8.71 -15.09 7.63
CA TYR B 182 -9.57 -14.47 6.63
C TYR B 182 -10.46 -13.52 7.43
N LYS B 183 -10.90 -12.43 6.82
CA LYS B 183 -11.64 -11.42 7.57
C LYS B 183 -12.82 -10.92 6.75
N LYS B 184 -13.92 -10.60 7.46
CA LYS B 184 -15.14 -10.10 6.83
C LYS B 184 -15.66 -8.92 7.63
N VAL B 185 -15.85 -7.80 6.94
CA VAL B 185 -16.58 -6.64 7.43
C VAL B 185 -17.86 -6.50 6.62
N ASP B 186 -18.96 -6.12 7.28
CA ASP B 186 -20.29 -5.96 6.70
C ASP B 186 -20.59 -6.93 5.56
N GLY B 187 -20.39 -8.22 5.82
CA GLY B 187 -20.71 -9.26 4.87
C GLY B 187 -19.65 -9.53 3.84
N VAL B 188 -18.66 -8.67 3.68
CA VAL B 188 -17.74 -8.72 2.54
C VAL B 188 -16.40 -9.29 3.00
N VAL B 189 -15.95 -10.38 2.36
CA VAL B 189 -14.59 -10.85 2.59
C VAL B 189 -13.60 -9.75 2.21
N GLN B 190 -12.60 -9.52 3.07
CA GLN B 190 -11.57 -8.50 2.89
C GLN B 190 -10.34 -9.11 2.23
N GLN B 191 -9.57 -8.25 1.55
CA GLN B 191 -8.20 -8.61 1.22
C GLN B 191 -7.33 -8.07 2.34
N LEU B 192 -6.68 -8.96 3.02
CA LEU B 192 -5.85 -8.50 4.10
C LEU B 192 -4.56 -7.91 3.54
N PRO B 193 -4.04 -6.85 4.16
CA PRO B 193 -2.87 -6.17 3.59
C PRO B 193 -1.63 -7.04 3.69
N GLU B 194 -0.70 -6.84 2.75
CA GLU B 194 0.66 -7.34 2.93
C GLU B 194 1.13 -6.91 4.30
N THR B 195 1.85 -7.78 5.01
CA THR B 195 2.28 -7.39 6.35
C THR B 195 3.56 -8.10 6.74
N TYR B 196 4.34 -7.42 7.55
CA TYR B 196 5.34 -8.12 8.35
C TYR B 196 4.70 -8.66 9.62
N PHE B 197 5.42 -9.57 10.28
CA PHE B 197 5.00 -10.14 11.55
C PHE B 197 6.12 -9.97 12.57
N THR B 198 5.79 -9.45 13.76
CA THR B 198 6.76 -9.50 14.83
C THR B 198 7.05 -10.97 15.19
N GLN B 199 8.21 -11.21 15.80
CA GLN B 199 8.73 -12.55 16.05
C GLN B 199 8.37 -13.11 17.42
N SER B 200 7.93 -12.26 18.36
CA SER B 200 7.36 -12.71 19.64
C SER B 200 8.38 -13.38 20.56
N ARG B 201 9.64 -13.00 20.47
CA ARG B 201 10.70 -13.66 21.22
C ARG B 201 10.93 -12.99 22.58
N ASN B 202 11.59 -13.73 23.48
CA ASN B 202 11.93 -13.33 24.85
C ASN B 202 13.34 -12.78 24.88
N LEU B 203 13.54 -11.79 25.75
CA LEU B 203 14.88 -11.32 26.00
C LEU B 203 15.79 -12.45 26.50
N GLN B 204 15.32 -13.21 27.50
CA GLN B 204 16.16 -14.23 28.13
C GLN B 204 16.55 -15.33 27.16
N GLU B 205 15.58 -15.87 26.43
CA GLU B 205 15.83 -17.02 25.60
C GLU B 205 15.72 -16.62 24.14
N PHE B 206 16.45 -15.58 23.75
CA PHE B 206 16.39 -15.11 22.39
C PHE B 206 17.27 -15.96 21.49
N LYS B 207 16.70 -16.41 20.38
CA LYS B 207 17.39 -17.16 19.33
C LYS B 207 17.30 -16.47 17.98
N PRO B 208 18.39 -16.43 17.23
CA PRO B 208 18.33 -15.84 15.89
C PRO B 208 17.57 -16.73 14.93
N ARG B 209 16.94 -16.11 13.92
CA ARG B 209 16.20 -16.88 12.92
C ARG B 209 16.66 -16.53 11.51
N SER B 210 17.88 -16.01 11.36
CA SER B 210 18.44 -15.71 10.06
C SER B 210 19.94 -15.62 10.19
N GLN B 211 20.64 -15.84 9.08
CA GLN B 211 22.08 -15.67 9.09
C GLN B 211 22.45 -14.24 9.49
N MET B 212 21.67 -13.25 9.06
CA MET B 212 21.99 -11.90 9.45
C MET B 212 21.86 -11.73 10.96
N GLU B 213 20.82 -12.36 11.55
CA GLU B 213 20.62 -12.27 12.99
C GLU B 213 21.74 -12.96 13.73
N ILE B 214 22.18 -14.12 13.22
CA ILE B 214 23.34 -14.80 13.78
C ILE B 214 24.56 -13.91 13.71
N ASP B 215 24.83 -13.37 12.52
CA ASP B 215 25.99 -12.49 12.36
C ASP B 215 25.90 -11.29 13.28
N PHE B 216 24.69 -10.80 13.53
CA PHE B 216 24.53 -9.64 14.42
C PHE B 216 24.86 -9.98 15.86
N LEU B 217 24.42 -11.16 16.32
CA LEU B 217 24.73 -11.59 17.68
C LEU B 217 26.21 -11.91 17.81
N GLU B 218 26.80 -12.52 16.79
CA GLU B 218 28.20 -12.93 16.89
C GLU B 218 29.17 -11.78 16.63
N LEU B 219 29.10 -11.14 15.46
CA LEU B 219 30.12 -10.16 15.10
C LEU B 219 30.10 -8.93 15.99
N ALA B 220 31.20 -8.18 15.96
CA ALA B 220 31.27 -6.88 16.60
C ALA B 220 30.46 -5.88 15.79
N MET B 221 30.18 -4.74 16.42
CA MET B 221 29.34 -3.75 15.75
C MET B 221 29.89 -3.37 14.38
N ASP B 222 31.11 -2.85 14.35
CA ASP B 222 31.64 -2.30 13.11
C ASP B 222 31.70 -3.36 12.02
N GLU B 223 32.10 -4.59 12.37
CA GLU B 223 32.13 -5.68 11.41
C GLU B 223 30.78 -5.88 10.75
N PHE B 224 29.75 -6.12 11.58
CA PHE B 224 28.42 -6.38 11.08
C PHE B 224 27.99 -5.32 10.09
N ILE B 225 28.00 -4.05 10.55
CA ILE B 225 27.59 -2.93 9.71
C ILE B 225 28.34 -2.93 8.40
N GLU B 226 29.58 -3.42 8.40
CA GLU B 226 30.32 -3.54 7.16
C GLU B 226 29.78 -4.67 6.31
N ARG B 227 29.69 -5.88 6.89
CA ARG B 227 29.29 -7.05 6.09
C ARG B 227 27.96 -6.85 5.37
N TYR B 228 27.08 -6.03 5.93
CA TYR B 228 25.75 -5.84 5.38
C TYR B 228 25.52 -4.43 4.86
N LYS B 229 26.60 -3.65 4.70
CA LYS B 229 26.59 -2.38 3.94
C LYS B 229 25.64 -1.36 4.56
N LEU B 230 25.66 -1.28 5.89
CA LEU B 230 24.70 -0.49 6.65
C LEU B 230 25.27 0.84 7.13
N GLU B 231 26.38 1.27 6.57
CA GLU B 231 26.89 2.62 6.83
C GLU B 231 25.79 3.65 6.55
N GLY B 232 25.64 4.61 7.45
CA GLY B 232 24.69 5.68 7.27
C GLY B 232 23.26 5.37 7.65
N TYR B 233 22.96 4.18 8.16
CA TYR B 233 21.62 3.84 8.61
C TYR B 233 21.46 3.89 10.13
N ALA B 234 22.47 4.35 10.85
CA ALA B 234 22.33 4.66 12.27
C ALA B 234 21.97 3.43 13.10
N PHE B 235 22.39 2.24 12.68
CA PHE B 235 22.18 1.04 13.49
C PHE B 235 22.96 1.10 14.79
N GLU B 236 24.03 1.89 14.82
CA GLU B 236 24.73 2.14 16.08
C GLU B 236 23.76 2.70 17.09
N HIS B 237 23.08 3.76 16.73
CA HIS B 237 22.09 4.35 17.61
C HIS B 237 20.88 3.43 17.75
N ILE B 238 20.29 3.04 16.61
CA ILE B 238 18.93 2.48 16.59
C ILE B 238 18.90 1.06 17.11
N VAL B 239 19.85 0.21 16.69
CA VAL B 239 19.81 -1.20 17.04
C VAL B 239 20.80 -1.53 18.15
N TYR B 240 22.01 -0.96 18.09
CA TYR B 240 23.00 -1.32 19.09
C TYR B 240 22.77 -0.56 20.39
N GLY B 241 22.22 0.65 20.31
CA GLY B 241 22.02 1.43 21.51
C GLY B 241 23.22 2.25 21.89
N ASP B 242 22.94 3.47 22.36
CA ASP B 242 23.94 4.44 22.78
C ASP B 242 23.80 4.59 24.29
N PHE B 243 24.79 4.11 25.04
CA PHE B 243 24.72 4.16 26.49
C PHE B 243 25.68 5.17 27.09
N SER B 244 26.05 6.19 26.33
CA SER B 244 27.07 7.14 26.77
C SER B 244 26.48 8.41 27.36
N HIS B 245 25.22 8.71 27.11
CA HIS B 245 24.59 9.90 27.67
C HIS B 245 23.52 9.48 28.69
N SER B 246 22.99 10.49 29.38
CA SER B 246 22.01 10.19 30.44
C SER B 246 20.77 9.56 29.86
N GLN B 247 20.24 10.12 28.77
CA GLN B 247 19.12 9.49 28.06
C GLN B 247 19.65 8.40 27.14
N LEU B 248 19.19 7.17 27.36
CA LEU B 248 19.60 6.05 26.55
C LEU B 248 19.20 6.28 25.09
N GLY B 249 20.09 5.94 24.19
CA GLY B 249 19.98 6.32 22.80
C GLY B 249 19.53 5.16 21.95
N GLY B 250 18.42 5.34 21.27
CA GLY B 250 18.01 4.31 20.32
C GLY B 250 17.53 3.07 21.06
N LEU B 251 18.01 1.91 20.63
CA LEU B 251 17.68 0.60 21.21
C LEU B 251 16.18 0.27 21.05
N HIS B 252 15.75 0.17 19.79
CA HIS B 252 14.33 -0.04 19.55
C HIS B 252 14.06 -1.42 18.98
N LEU B 253 15.08 -2.22 18.72
CA LEU B 253 14.91 -3.54 18.15
C LEU B 253 15.24 -4.59 19.20
N LEU B 254 14.33 -5.56 19.37
CA LEU B 254 14.50 -6.53 20.44
C LEU B 254 15.85 -7.26 20.35
N ILE B 255 16.27 -7.61 19.13
CA ILE B 255 17.54 -8.32 19.01
C ILE B 255 18.68 -7.49 19.62
N GLY B 256 18.56 -6.17 19.63
CA GLY B 256 19.64 -5.34 20.18
C GLY B 256 19.64 -5.31 21.69
N LEU B 257 18.45 -5.31 22.29
CA LEU B 257 18.34 -5.60 23.72
C LEU B 257 18.98 -6.96 24.03
N ALA B 258 18.57 -8.01 23.30
CA ALA B 258 19.10 -9.35 23.54
C ALA B 258 20.62 -9.34 23.54
N LYS B 259 21.23 -8.68 22.56
CA LYS B 259 22.69 -8.63 22.53
C LYS B 259 23.24 -7.98 23.79
N ARG B 260 22.71 -6.82 24.16
CA ARG B 260 23.21 -6.12 25.33
C ARG B 260 23.01 -6.95 26.59
N PHE B 261 21.86 -7.63 26.69
CA PHE B 261 21.48 -8.35 27.91
C PHE B 261 22.47 -9.44 28.27
N LYS B 262 23.17 -9.98 27.27
CA LYS B 262 24.11 -11.04 27.55
C LYS B 262 25.43 -10.53 28.09
N GLU B 263 25.75 -9.24 27.89
CA GLU B 263 26.96 -8.65 28.44
C GLU B 263 26.73 -7.97 29.79
N SER B 264 25.56 -7.37 29.98
CA SER B 264 25.29 -6.62 31.21
C SER B 264 23.79 -6.38 31.29
N PRO B 265 23.22 -6.37 32.48
CA PRO B 265 21.77 -6.41 32.60
C PRO B 265 21.18 -5.01 32.70
N PHE B 266 19.85 -4.97 32.64
CA PHE B 266 19.14 -3.69 32.70
C PHE B 266 17.71 -3.97 33.11
N GLU B 267 17.06 -2.92 33.64
CA GLU B 267 15.65 -2.98 34.03
C GLU B 267 14.80 -2.60 32.84
N LEU B 268 13.80 -3.42 32.55
CA LEU B 268 12.72 -3.08 31.64
C LEU B 268 11.45 -2.97 32.45
N GLU B 269 10.98 -1.74 32.65
CA GLU B 269 9.72 -1.49 33.35
C GLU B 269 8.62 -1.51 32.29
N ASP B 270 7.77 -2.53 32.34
CA ASP B 270 6.71 -2.79 31.38
C ASP B 270 5.43 -2.09 31.86
N PHE B 271 5.32 -0.78 31.59
CA PHE B 271 4.34 -0.02 32.34
C PHE B 271 2.92 -0.09 31.77
N ILE B 272 2.73 -0.66 30.59
CA ILE B 272 1.40 -1.02 30.10
C ILE B 272 1.46 -2.51 29.79
N PRO B 273 1.39 -3.39 30.78
CA PRO B 273 1.59 -4.83 30.48
C PRO B 273 0.46 -5.44 29.69
N MET B 274 0.63 -5.48 28.39
CA MET B 274 -0.34 -6.12 27.51
C MET B 274 0.41 -6.62 26.29
N ASP B 275 -0.28 -7.43 25.50
CA ASP B 275 0.26 -7.89 24.23
C ASP B 275 0.11 -6.79 23.21
N SER B 276 1.22 -6.41 22.57
CA SER B 276 1.05 -5.43 21.51
C SER B 276 2.24 -5.53 20.58
N THR B 277 1.99 -5.15 19.32
CA THR B 277 3.00 -5.27 18.28
C THR B 277 4.22 -4.43 18.61
N VAL B 278 4.00 -3.27 19.22
CA VAL B 278 5.08 -2.42 19.74
C VAL B 278 4.95 -2.36 21.25
N LYS B 279 6.06 -2.57 21.96
CA LYS B 279 6.05 -2.47 23.41
C LYS B 279 6.86 -1.26 23.84
N ASN B 280 6.39 -0.57 24.87
CA ASN B 280 7.07 0.58 25.44
C ASN B 280 7.61 0.21 26.82
N TYR B 281 8.89 0.49 27.05
CA TYR B 281 9.53 0.08 28.29
C TYR B 281 10.26 1.26 28.91
N PHE B 282 10.26 1.34 30.21
CA PHE B 282 11.10 2.32 30.88
C PHE B 282 12.34 1.56 31.30
N ILE B 283 13.43 1.88 30.62
CA ILE B 283 14.67 1.12 30.64
C ILE B 283 15.74 1.84 31.46
N THR B 284 16.41 1.10 32.33
CA THR B 284 17.54 1.63 33.09
C THR B 284 18.71 0.67 32.87
N ASP B 285 19.77 1.15 32.23
CA ASP B 285 20.94 0.31 31.99
C ASP B 285 21.78 0.26 33.26
N ALA B 286 21.97 -0.93 33.83
CA ALA B 286 22.55 -1.02 35.17
C ALA B 286 24.05 -0.74 35.15
N GLN B 287 24.74 -1.04 34.05
CA GLN B 287 26.18 -0.80 34.01
C GLN B 287 26.49 0.70 33.93
N THR B 288 25.78 1.43 33.08
CA THR B 288 26.11 2.83 32.82
C THR B 288 25.21 3.81 33.56
N GLY B 289 23.99 3.43 33.92
CA GLY B 289 23.03 4.41 34.37
C GLY B 289 22.31 5.14 33.26
N SER B 290 22.58 4.81 32.01
CA SER B 290 21.80 5.38 30.92
C SER B 290 20.35 4.91 31.06
N SER B 291 19.38 5.78 30.73
CA SER B 291 17.98 5.38 30.88
C SER B 291 17.05 6.13 29.90
N LYS B 292 15.83 5.62 29.72
CA LYS B 292 14.84 6.29 28.89
C LYS B 292 13.44 5.95 29.40
N CYS B 293 12.61 6.98 29.61
CA CYS B 293 11.26 6.78 30.17
C CYS B 293 10.39 5.91 29.27
N VAL B 294 10.35 6.20 27.97
CA VAL B 294 9.52 5.48 27.01
C VAL B 294 10.43 5.00 25.89
N CYS B 295 10.87 3.76 25.96
CA CYS B 295 11.71 3.19 24.92
C CYS B 295 10.86 2.18 24.16
N SER B 296 10.48 2.54 22.93
CA SER B 296 9.58 1.68 22.18
C SER B 296 10.42 0.57 21.55
N VAL B 297 9.91 -0.65 21.60
CA VAL B 297 10.66 -1.84 21.21
C VAL B 297 9.78 -2.78 20.40
N ILE B 298 10.31 -3.26 19.31
CA ILE B 298 9.61 -4.18 18.46
C ILE B 298 10.59 -5.31 18.16
N ASP B 299 10.07 -6.54 18.12
CA ASP B 299 10.87 -7.70 17.70
C ASP B 299 10.59 -8.00 16.24
N LEU B 300 11.30 -7.33 15.35
CA LEU B 300 11.28 -7.64 13.94
C LEU B 300 12.45 -8.54 13.60
N LEU B 301 12.22 -9.53 12.74
CA LEU B 301 13.35 -10.19 12.11
C LEU B 301 14.30 -9.11 11.65
N LEU B 302 15.57 -9.21 12.04
CA LEU B 302 16.47 -8.10 11.67
C LEU B 302 16.42 -7.84 10.19
N ASP B 303 16.20 -8.89 9.39
CA ASP B 303 16.35 -8.65 7.98
C ASP B 303 15.18 -7.79 7.50
N ASP B 304 14.00 -8.01 8.11
CA ASP B 304 12.81 -7.24 7.82
C ASP B 304 12.98 -5.79 8.22
N PHE B 305 13.64 -5.55 9.36
CA PHE B 305 13.92 -4.18 9.78
C PHE B 305 14.87 -3.50 8.80
N VAL B 306 15.90 -4.24 8.38
CA VAL B 306 16.79 -3.74 7.35
C VAL B 306 15.99 -3.38 6.11
N GLU B 307 15.17 -4.32 5.63
CA GLU B 307 14.41 -4.07 4.39
C GLU B 307 13.56 -2.81 4.52
N ILE B 308 12.91 -2.63 5.67
CA ILE B 308 12.08 -1.46 5.88
C ILE B 308 12.91 -0.19 5.84
N ILE B 309 14.00 -0.16 6.59
CA ILE B 309 14.77 1.08 6.65
C ILE B 309 15.45 1.38 5.32
N LYS B 310 15.82 0.34 4.56
CA LYS B 310 16.44 0.61 3.27
C LYS B 310 15.44 1.03 2.20
N SER B 311 14.14 0.94 2.49
CA SER B 311 13.09 1.32 1.54
C SER B 311 12.46 2.67 1.86
N GLN B 312 13.19 3.53 2.56
CA GLN B 312 12.71 4.86 2.86
C GLN B 312 13.51 5.91 2.11
N ASP B 313 12.85 7.01 1.80
CA ASP B 313 13.50 8.16 1.22
C ASP B 313 14.23 8.89 2.34
N LEU B 314 15.57 8.93 2.27
CA LEU B 314 16.38 9.49 3.33
C LEU B 314 16.60 10.99 3.19
N SER B 315 15.76 11.69 2.44
CA SER B 315 16.12 13.03 2.01
C SER B 315 15.33 14.13 2.73
N VAL B 316 14.42 13.79 3.63
CA VAL B 316 13.70 14.78 4.43
C VAL B 316 14.12 14.66 5.89
N VAL B 317 14.10 15.81 6.59
CA VAL B 317 14.64 15.89 7.93
C VAL B 317 13.88 14.92 8.86
N SER B 318 12.55 15.03 8.90
CA SER B 318 11.70 14.15 9.71
C SER B 318 10.37 13.90 9.00
N LYS B 319 9.84 12.70 9.19
CA LYS B 319 8.49 12.39 8.72
C LYS B 319 8.03 11.09 9.34
N VAL B 320 6.74 10.82 9.17
CA VAL B 320 6.12 9.60 9.64
C VAL B 320 6.22 8.56 8.55
N VAL B 321 6.67 7.37 8.92
CA VAL B 321 6.84 6.21 8.05
C VAL B 321 5.87 5.14 8.53
N LYS B 322 5.01 4.65 7.65
CA LYS B 322 3.94 3.76 8.07
C LYS B 322 4.19 2.38 7.51
N VAL B 323 4.12 1.37 8.38
CA VAL B 323 4.42 -0.02 8.03
C VAL B 323 3.33 -0.93 8.57
N THR B 324 2.79 -1.77 7.70
CA THR B 324 1.90 -2.82 8.15
C THR B 324 2.73 -3.88 8.89
N ILE B 325 2.35 -4.14 10.15
CA ILE B 325 3.00 -5.16 10.99
C ILE B 325 1.91 -5.82 11.81
N ASP B 326 1.89 -7.16 11.77
CA ASP B 326 0.86 -7.95 12.44
C ASP B 326 -0.52 -7.45 12.04
N TYR B 327 -0.68 -7.09 10.75
CA TYR B 327 -1.91 -6.61 10.13
C TYR B 327 -2.35 -5.21 10.54
N THR B 328 -1.65 -4.54 11.45
CA THR B 328 -1.99 -3.18 11.87
C THR B 328 -0.97 -2.21 11.35
N GLU B 329 -1.36 -0.93 11.26
CA GLU B 329 -0.47 0.11 10.76
C GLU B 329 0.34 0.69 11.90
N ILE B 330 1.66 0.48 11.86
CA ILE B 330 2.60 1.01 12.85
C ILE B 330 3.31 2.23 12.26
N SER B 331 3.16 3.36 12.94
CA SER B 331 3.86 4.58 12.56
C SER B 331 5.25 4.62 13.16
N PHE B 332 6.24 4.96 12.34
CA PHE B 332 7.62 5.16 12.79
C PHE B 332 7.99 6.61 12.54
N MET B 333 8.79 7.17 13.42
CA MET B 333 9.42 8.45 13.13
C MET B 333 10.73 8.15 12.42
N LEU B 334 10.99 8.82 11.30
CA LEU B 334 12.28 8.71 10.61
C LEU B 334 12.96 10.06 10.62
N TRP B 335 14.18 10.12 11.15
CA TRP B 335 14.94 11.36 11.24
C TRP B 335 16.22 11.23 10.44
N CYS B 336 16.46 12.22 9.58
CA CYS B 336 17.55 12.16 8.64
C CYS B 336 18.28 13.50 8.60
N LYS B 337 19.54 13.44 8.19
CA LYS B 337 20.36 14.61 7.96
C LYS B 337 21.35 14.25 6.86
N ASP B 338 21.49 15.13 5.87
CA ASP B 338 22.44 14.95 4.76
C ASP B 338 22.31 13.56 4.13
N GLY B 339 21.09 13.04 4.08
CA GLY B 339 20.86 11.77 3.42
C GLY B 339 21.34 10.53 4.15
N HIS B 340 21.71 10.65 5.42
CA HIS B 340 21.86 9.48 6.24
C HIS B 340 20.85 9.52 7.38
N VAL B 341 20.52 8.34 7.90
CA VAL B 341 19.59 8.21 9.00
C VAL B 341 20.21 8.76 10.27
N GLU B 342 19.44 9.54 11.04
CA GLU B 342 19.81 9.85 12.41
C GLU B 342 19.14 8.88 13.38
N THR B 343 17.82 8.84 13.36
CA THR B 343 17.13 7.80 14.11
C THR B 343 15.86 7.40 13.37
N PHE B 344 15.26 6.33 13.86
CA PHE B 344 14.11 5.71 13.22
C PHE B 344 13.50 4.80 14.27
N TYR B 345 12.34 5.19 14.81
CA TYR B 345 11.80 4.49 15.94
C TYR B 345 10.29 4.41 15.85
N PRO B 346 9.69 3.32 16.36
CA PRO B 346 8.23 3.24 16.44
C PRO B 346 7.61 4.43 17.14
N LYS B 347 6.68 5.12 16.47
CA LYS B 347 6.25 6.44 16.92
C LYS B 347 5.60 6.34 18.29
N LEU B 348 5.98 7.29 19.16
CA LEU B 348 5.58 7.29 20.57
C LEU B 348 4.25 8.04 20.68
N GLN B 349 3.24 7.47 20.05
CA GLN B 349 1.99 8.18 19.82
C GLN B 349 0.85 7.57 20.63
#